data_6QXH
#
_entry.id   6QXH
#
_cell.length_a   182.110
_cell.length_b   61.590
_cell.length_c   101.100
_cell.angle_alpha   90.00
_cell.angle_beta   115.38
_cell.angle_gamma   90.00
#
_symmetry.space_group_name_H-M   'C 1 2 1'
#
loop_
_entity.id
_entity.type
_entity.pdbx_description
1 polymer 'Thymidylate synthase'
2 non-polymer "2'-DEOXYURIDINE 5'-MONOPHOSPHATE"
3 non-polymer DI(HYDROXYETHYL)ETHER
4 non-polymer 'CHLORIDE ION'
5 non-polymer 'SULFATE ION'
6 water water
#
_entity_poly.entity_id   1
_entity_poly.type   'polypeptide(L)'
_entity_poly.pdbx_seq_one_letter_code
;MRGSHHHHHHGSMPVAGSELPRRPLPPAAQERDAEPRPPHGELQYLGQIQHILR(SCH)GVRKDDRTGTGTLSVFGMQAR
YSLRDEFPLLTTKRVFWKGVLEELLWFIKGSTNAKELSSKGVKIWDANGSRDFLDSLGFSTREEGDLGPVYGFQWRHFGA
EYRDMESDYSGQGVDQLQRVIDTIKTNPDDRRIIMCAWNPRDLPLMALPPCHALCQFYVVNSELSCQLYQRSGDMGLGVP
FNIASYALLTYMIAHITGLKPGDFIHTLGDAHIYLNHIEPLKIQLQREPRPFPKLRILRKVEKIDDFKAEDFQIEGYNPH
PTIKMEMAV
;
_entity_poly.pdbx_strand_id   A,B,C
#
loop_
_chem_comp.id
_chem_comp.type
_chem_comp.name
_chem_comp.formula
CL non-polymer 'CHLORIDE ION' 'Cl -1'
PEG non-polymer DI(HYDROXYETHYL)ETHER 'C4 H10 O3'
SO4 non-polymer 'SULFATE ION' 'O4 S -2'
UMP non-polymer '2'-DEOXYURIDINE 5'-MONOPHOSPHATE' 'C9 H13 N2 O8 P'
#
# COMPACT_ATOMS: atom_id res chain seq x y z
N PRO A 38 -13.51 -2.33 -29.68
CA PRO A 38 -12.55 -1.94 -28.62
C PRO A 38 -11.31 -1.23 -29.18
N PRO A 39 -11.13 0.10 -29.02
CA PRO A 39 -10.02 0.81 -29.67
C PRO A 39 -8.60 0.27 -29.42
N HIS A 40 -7.74 0.35 -30.44
CA HIS A 40 -6.30 0.16 -30.36
C HIS A 40 -5.67 1.05 -29.28
N GLY A 41 -4.77 0.42 -28.52
CA GLY A 41 -4.02 1.06 -27.45
C GLY A 41 -3.20 2.25 -27.97
N GLU A 42 -2.65 2.14 -29.18
CA GLU A 42 -1.86 3.22 -29.75
C GLU A 42 -2.62 4.56 -29.77
N LEU A 43 -3.94 4.51 -29.68
CA LEU A 43 -4.79 5.67 -29.83
C LEU A 43 -4.73 6.57 -28.59
N GLN A 44 -4.37 5.99 -27.42
CA GLN A 44 -4.15 6.77 -26.20
C GLN A 44 -3.04 7.79 -26.51
N TYR A 45 -1.95 7.31 -27.10
CA TYR A 45 -0.75 8.09 -27.42
C TYR A 45 -1.02 9.14 -28.49
N LEU A 46 -1.62 8.71 -29.61
CA LEU A 46 -1.95 9.57 -30.73
C LEU A 46 -2.94 10.65 -30.28
N GLY A 47 -3.89 10.25 -29.41
CA GLY A 47 -4.84 11.15 -28.78
C GLY A 47 -4.11 12.23 -27.98
N GLN A 48 -3.04 11.86 -27.28
CA GLN A 48 -2.31 12.84 -26.49
C GLN A 48 -1.59 13.86 -27.38
N ILE A 49 -1.00 13.41 -28.48
CA ILE A 49 -0.33 14.27 -29.43
C ILE A 49 -1.36 15.25 -29.97
N GLN A 50 -2.45 14.72 -30.49
CA GLN A 50 -3.59 15.51 -30.93
C GLN A 50 -3.98 16.55 -29.88
N HIS A 51 -4.08 16.11 -28.61
CA HIS A 51 -4.53 17.05 -27.58
C HIS A 51 -3.52 18.17 -27.39
N ILE A 52 -2.22 17.84 -27.46
CA ILE A 52 -1.18 18.81 -27.17
C ILE A 52 -1.08 19.78 -28.35
N LEU A 53 -1.22 19.25 -29.56
CA LEU A 53 -1.18 20.11 -30.76
C LEU A 53 -2.31 21.14 -30.72
N ARG A 54 -3.49 20.76 -30.21
CA ARG A 54 -4.68 21.58 -30.27
C ARG A 54 -4.75 22.48 -29.04
N SCH A 55 -4.44 21.94 -27.87
CA SCH A 55 -4.55 22.64 -26.59
CB SCH A 55 -5.42 21.92 -25.59
SG SCH A 55 -7.06 21.49 -26.18
SD SCH A 55 -8.09 23.29 -26.20
CE SCH A 55 -8.92 23.54 -24.62
C SCH A 55 -3.20 22.91 -25.95
O SCH A 55 -3.21 23.49 -24.87
N GLY A 56 -2.08 22.44 -26.46
CA GLY A 56 -0.85 22.73 -25.73
C GLY A 56 -0.63 24.24 -25.66
N VAL A 57 0.01 24.75 -24.61
CA VAL A 57 0.38 26.17 -24.65
C VAL A 57 1.88 26.26 -24.94
N ARG A 58 2.22 27.37 -25.63
CA ARG A 58 3.59 27.67 -26.04
C ARG A 58 4.42 27.84 -24.76
N LYS A 59 5.59 27.22 -24.72
CA LYS A 59 6.37 27.28 -23.49
C LYS A 59 7.83 27.10 -23.87
N ASP A 60 8.69 28.09 -23.57
CA ASP A 60 10.12 27.96 -23.81
C ASP A 60 10.67 26.87 -22.88
N ASP A 61 11.75 26.22 -23.31
CA ASP A 61 12.39 25.18 -22.52
C ASP A 61 13.89 25.47 -22.43
N ARG A 62 14.51 24.77 -21.47
CA ARG A 62 15.92 24.83 -21.14
C ARG A 62 16.78 24.74 -22.39
N THR A 63 16.42 23.87 -23.36
CA THR A 63 17.23 23.69 -24.57
C THR A 63 17.11 24.87 -25.55
N GLY A 64 16.05 25.69 -25.47
CA GLY A 64 15.91 26.83 -26.38
C GLY A 64 15.03 26.50 -27.59
N THR A 65 14.55 25.24 -27.68
CA THR A 65 13.83 24.82 -28.87
C THR A 65 12.42 25.44 -28.94
N GLY A 66 11.73 25.65 -27.80
CA GLY A 66 10.29 25.92 -27.82
C GLY A 66 9.48 24.59 -27.79
N THR A 67 8.38 24.58 -27.01
CA THR A 67 7.42 23.49 -26.97
C THR A 67 5.99 24.02 -27.08
N LEU A 68 5.09 23.08 -27.42
CA LEU A 68 3.70 23.11 -27.01
C LEU A 68 3.58 22.18 -25.80
N SER A 69 2.92 22.71 -24.76
CA SER A 69 2.98 22.10 -23.43
C SER A 69 1.60 22.02 -22.73
N VAL A 70 1.36 20.86 -22.09
CA VAL A 70 0.24 20.62 -21.19
C VAL A 70 0.79 20.04 -19.89
N PHE A 71 0.37 20.54 -18.70
CA PHE A 71 0.87 19.94 -17.46
C PHE A 71 -0.19 18.97 -16.92
N GLY A 72 0.18 17.68 -16.84
CA GLY A 72 -0.72 16.72 -16.23
C GLY A 72 -1.48 15.95 -17.27
N MET A 73 -1.01 14.72 -17.54
CA MET A 73 -1.71 13.85 -18.44
C MET A 73 -1.57 12.40 -17.93
N GLN A 74 -2.45 11.53 -18.38
CA GLN A 74 -2.38 10.17 -17.90
C GLN A 74 -3.00 9.35 -19.00
N ALA A 75 -2.37 8.21 -19.34
CA ALA A 75 -2.91 7.25 -20.31
C ALA A 75 -2.73 5.82 -19.78
N ARG A 76 -3.51 4.87 -20.30
CA ARG A 76 -3.56 3.50 -19.76
C ARG A 76 -3.37 2.58 -20.99
N TYR A 77 -2.34 1.72 -20.96
CA TYR A 77 -2.06 0.81 -22.05
C TYR A 77 -2.27 -0.61 -21.57
N SER A 78 -3.09 -1.43 -22.23
CA SER A 78 -3.29 -2.81 -21.72
C SER A 78 -2.10 -3.72 -22.05
N LEU A 79 -1.56 -4.46 -21.06
CA LEU A 79 -0.45 -5.36 -21.37
C LEU A 79 -0.95 -6.78 -21.61
N ARG A 80 -2.27 -6.94 -21.78
CA ARG A 80 -2.88 -8.29 -21.65
C ARG A 80 -2.81 -8.93 -23.04
N ASP A 81 -1.86 -9.86 -23.22
CA ASP A 81 -1.66 -10.53 -24.49
C ASP A 81 -1.22 -9.60 -25.62
N GLU A 82 -0.70 -8.42 -25.28
CA GLU A 82 -0.15 -7.52 -26.29
C GLU A 82 0.95 -6.72 -25.60
N PHE A 83 1.97 -6.35 -26.37
CA PHE A 83 3.01 -5.48 -25.81
C PHE A 83 2.94 -4.11 -26.51
N PRO A 84 2.80 -2.95 -25.84
CA PRO A 84 2.47 -1.71 -26.56
C PRO A 84 3.74 -1.04 -27.12
N LEU A 85 4.32 -1.67 -28.15
CA LEU A 85 5.45 -1.13 -28.91
C LEU A 85 4.86 -0.39 -30.10
N LEU A 86 4.98 0.96 -30.15
CA LEU A 86 4.23 1.72 -31.14
C LEU A 86 4.52 1.24 -32.56
N THR A 87 3.48 1.34 -33.39
CA THR A 87 3.48 0.81 -34.74
C THR A 87 3.46 1.91 -35.81
N THR A 88 2.94 3.13 -35.51
CA THR A 88 2.93 4.23 -36.46
C THR A 88 4.32 4.85 -36.70
N LYS A 89 5.33 4.33 -35.99
CA LYS A 89 6.72 4.46 -36.37
C LYS A 89 7.51 3.32 -35.70
N ARG A 90 8.66 3.00 -36.29
CA ARG A 90 9.57 2.02 -35.73
C ARG A 90 10.23 2.62 -34.50
N VAL A 91 10.07 1.89 -33.39
CA VAL A 91 10.68 2.28 -32.14
C VAL A 91 11.93 1.42 -31.93
N PHE A 92 12.89 2.02 -31.23
CA PHE A 92 14.21 1.42 -31.09
C PHE A 92 14.22 0.26 -30.06
N TRP A 93 13.52 -0.83 -30.40
CA TRP A 93 13.33 -1.93 -29.46
C TRP A 93 14.64 -2.44 -28.84
N LYS A 94 15.70 -2.68 -29.64
CA LYS A 94 17.06 -3.00 -29.19
C LYS A 94 17.54 -2.02 -28.10
N GLY A 95 17.35 -0.71 -28.33
CA GLY A 95 17.71 0.30 -27.33
C GLY A 95 16.97 0.14 -25.99
N VAL A 96 15.67 -0.13 -26.05
CA VAL A 96 14.81 -0.26 -24.89
C VAL A 96 15.25 -1.47 -24.07
N LEU A 97 15.46 -2.60 -24.76
CA LEU A 97 15.77 -3.82 -24.05
C LEU A 97 17.18 -3.72 -23.46
N GLU A 98 18.14 -3.31 -24.29
CA GLU A 98 19.51 -3.20 -23.82
C GLU A 98 19.61 -2.13 -22.74
N GLU A 99 18.84 -1.04 -22.86
CA GLU A 99 19.01 -0.01 -21.86
C GLU A 99 18.42 -0.50 -20.54
N LEU A 100 17.26 -1.13 -20.61
CA LEU A 100 16.72 -1.69 -19.38
C LEU A 100 17.63 -2.75 -18.74
N LEU A 101 18.35 -3.56 -19.52
CA LEU A 101 19.17 -4.56 -18.82
C LEU A 101 20.32 -3.87 -18.10
N TRP A 102 20.66 -2.66 -18.59
CA TRP A 102 21.84 -1.95 -18.12
C TRP A 102 21.51 -1.23 -16.81
N PHE A 103 20.24 -0.84 -16.68
CA PHE A 103 19.66 -0.31 -15.45
C PHE A 103 19.63 -1.44 -14.41
N ILE A 104 19.09 -2.59 -14.82
CA ILE A 104 18.96 -3.74 -13.93
C ILE A 104 20.31 -4.08 -13.30
N LYS A 105 21.39 -4.06 -14.10
CA LYS A 105 22.68 -4.43 -13.54
C LYS A 105 23.31 -3.24 -12.79
N GLY A 106 22.64 -2.09 -12.74
CA GLY A 106 23.13 -1.04 -11.87
C GLY A 106 24.31 -0.26 -12.49
N SER A 107 24.47 -0.31 -13.81
CA SER A 107 25.62 0.33 -14.42
C SER A 107 25.40 1.83 -14.48
N THR A 108 26.49 2.57 -14.32
CA THR A 108 26.47 4.06 -14.39
C THR A 108 27.59 4.45 -15.35
N ASN A 109 27.79 3.60 -16.36
CA ASN A 109 28.86 3.75 -17.33
C ASN A 109 28.29 3.67 -18.74
N ALA A 110 28.13 4.84 -19.38
CA ALA A 110 27.60 4.92 -20.74
C ALA A 110 28.32 3.98 -21.71
N LYS A 111 29.64 3.76 -21.54
CA LYS A 111 30.42 2.86 -22.40
C LYS A 111 29.89 1.43 -22.31
N GLU A 112 29.48 1.03 -21.11
CA GLU A 112 28.91 -0.30 -20.88
C GLU A 112 27.66 -0.55 -21.74
N LEU A 113 26.83 0.48 -21.95
CA LEU A 113 25.70 0.39 -22.86
C LEU A 113 26.14 0.64 -24.31
N SER A 114 27.06 1.60 -24.49
CA SER A 114 27.62 1.94 -25.78
C SER A 114 28.02 0.67 -26.54
N SER A 115 28.65 -0.27 -25.81
CA SER A 115 29.26 -1.48 -26.33
C SER A 115 28.24 -2.52 -26.82
N LYS A 116 26.99 -2.45 -26.33
CA LYS A 116 25.95 -3.38 -26.72
C LYS A 116 25.28 -2.90 -28.02
N GLY A 117 25.71 -1.72 -28.53
CA GLY A 117 25.24 -1.18 -29.79
C GLY A 117 24.16 -0.09 -29.66
N VAL A 118 24.10 0.57 -28.50
CA VAL A 118 23.04 1.50 -28.14
C VAL A 118 23.70 2.78 -27.65
N LYS A 119 23.54 3.87 -28.41
CA LYS A 119 24.43 5.02 -28.18
C LYS A 119 23.73 6.13 -27.41
N ILE A 120 22.50 5.87 -26.94
CA ILE A 120 21.60 6.90 -26.44
C ILE A 120 22.19 7.71 -25.27
N TRP A 121 23.15 7.18 -24.51
CA TRP A 121 23.67 7.88 -23.35
C TRP A 121 25.04 8.51 -23.61
N ASP A 122 25.56 8.33 -24.82
CA ASP A 122 26.96 8.61 -25.13
C ASP A 122 27.33 10.07 -24.98
N ALA A 123 26.44 10.95 -25.46
CA ALA A 123 26.73 12.37 -25.42
C ALA A 123 26.86 12.83 -23.97
N ASN A 124 26.04 12.22 -23.09
CA ASN A 124 25.87 12.67 -21.72
C ASN A 124 27.06 12.30 -20.84
N GLY A 125 27.93 11.38 -21.34
CA GLY A 125 29.13 10.88 -20.69
C GLY A 125 30.44 11.40 -21.29
N SER A 126 30.35 12.03 -22.47
CA SER A 126 31.46 12.70 -23.14
C SER A 126 32.19 13.68 -22.23
N ARG A 127 33.50 13.80 -22.49
CA ARG A 127 34.36 14.79 -21.89
C ARG A 127 33.70 16.18 -21.93
N ASP A 128 33.34 16.65 -23.12
CA ASP A 128 32.92 18.05 -23.24
C ASP A 128 31.70 18.33 -22.34
N PHE A 129 30.78 17.37 -22.30
CA PHE A 129 29.51 17.57 -21.64
C PHE A 129 29.74 17.55 -20.13
N LEU A 130 30.41 16.50 -19.62
CA LEU A 130 30.82 16.43 -18.22
C LEU A 130 31.43 17.78 -17.78
N ASP A 131 32.35 18.30 -18.60
CA ASP A 131 32.94 19.62 -18.39
C ASP A 131 31.88 20.73 -18.40
N SER A 132 30.96 20.72 -19.39
CA SER A 132 29.81 21.61 -19.44
C SER A 132 29.21 21.79 -18.04
N LEU A 133 29.17 20.71 -17.25
CA LEU A 133 28.34 20.67 -16.04
C LEU A 133 29.18 20.97 -14.81
N GLY A 134 30.49 21.17 -15.00
CA GLY A 134 31.42 21.33 -13.89
C GLY A 134 31.83 19.98 -13.28
N PHE A 135 31.94 18.92 -14.11
CA PHE A 135 32.45 17.63 -13.64
C PHE A 135 33.78 17.32 -14.30
N SER A 136 34.77 18.21 -14.10
CA SER A 136 36.01 18.08 -14.85
C SER A 136 36.83 16.91 -14.34
N THR A 137 36.66 16.55 -13.06
CA THR A 137 37.48 15.49 -12.48
C THR A 137 36.98 14.11 -12.93
N ARG A 138 35.76 14.04 -13.46
CA ARG A 138 35.14 12.75 -13.73
C ARG A 138 35.63 12.16 -15.05
N GLU A 139 35.88 10.85 -15.04
CA GLU A 139 36.28 10.11 -16.22
C GLU A 139 35.11 10.03 -17.19
N GLU A 140 35.39 10.07 -18.50
CA GLU A 140 34.32 10.01 -19.54
C GLU A 140 33.51 8.72 -19.36
N GLY A 141 32.19 8.81 -19.58
CA GLY A 141 31.27 7.68 -19.48
C GLY A 141 30.59 7.60 -18.11
N ASP A 142 31.20 8.20 -17.10
CA ASP A 142 30.65 8.28 -15.76
C ASP A 142 29.46 9.23 -15.76
N LEU A 143 28.25 8.66 -15.66
CA LEU A 143 27.01 9.41 -15.74
C LEU A 143 26.62 9.91 -14.36
N GLY A 144 27.35 9.46 -13.33
CA GLY A 144 27.02 9.75 -11.95
C GLY A 144 25.90 8.83 -11.48
N PRO A 145 25.29 9.14 -10.31
CA PRO A 145 24.26 8.30 -9.71
C PRO A 145 22.90 8.34 -10.42
N VAL A 146 22.87 7.84 -11.66
CA VAL A 146 21.62 7.83 -12.40
C VAL A 146 20.90 6.50 -12.14
N TYR A 147 19.87 6.22 -12.95
CA TYR A 147 18.84 5.23 -12.73
C TYR A 147 19.42 3.94 -12.13
N GLY A 148 20.39 3.32 -12.78
CA GLY A 148 20.88 1.99 -12.37
C GLY A 148 21.40 1.95 -10.93
N PHE A 149 22.01 3.05 -10.50
CA PHE A 149 22.48 3.15 -9.13
C PHE A 149 21.30 3.36 -8.16
N GLN A 150 20.39 4.33 -8.47
CA GLN A 150 19.17 4.56 -7.70
C GLN A 150 18.32 3.29 -7.60
N TRP A 151 18.25 2.46 -8.66
CA TRP A 151 17.39 1.27 -8.64
C TRP A 151 17.95 0.21 -7.66
N ARG A 152 19.28 0.04 -7.63
CA ARG A 152 19.88 -1.03 -6.86
C ARG A 152 20.54 -0.52 -5.58
N HIS A 153 20.85 0.78 -5.49
CA HIS A 153 21.71 1.22 -4.39
C HIS A 153 21.25 2.54 -3.77
N PHE A 154 19.95 2.84 -3.82
CA PHE A 154 19.47 4.13 -3.39
C PHE A 154 20.00 4.42 -1.98
N GLY A 155 20.66 5.59 -1.85
CA GLY A 155 21.12 6.13 -0.58
C GLY A 155 22.59 5.81 -0.25
N ALA A 156 23.20 4.91 -1.02
CA ALA A 156 24.63 4.68 -0.91
C ALA A 156 25.41 5.90 -1.43
N GLU A 157 26.57 6.17 -0.79
CA GLU A 157 27.47 7.23 -1.19
C GLU A 157 28.07 6.87 -2.56
N TYR A 158 27.70 7.65 -3.58
CA TYR A 158 28.21 7.40 -4.92
C TYR A 158 29.67 7.82 -4.98
N ARG A 159 30.49 6.99 -5.60
CA ARG A 159 31.91 7.33 -5.70
C ARG A 159 32.25 7.54 -7.17
N ASP A 160 32.32 6.44 -7.93
CA ASP A 160 32.49 6.55 -9.35
C ASP A 160 31.87 5.32 -9.97
N MET A 161 31.93 5.23 -11.30
CA MET A 161 31.18 4.22 -12.03
C MET A 161 31.88 2.86 -11.96
N GLU A 162 33.07 2.81 -11.35
CA GLU A 162 33.81 1.56 -11.27
C GLU A 162 33.56 0.89 -9.92
N SER A 163 33.25 1.71 -8.89
CA SER A 163 33.11 1.28 -7.50
C SER A 163 32.19 0.08 -7.33
N ASP A 164 32.49 -0.79 -6.36
CA ASP A 164 31.65 -1.91 -6.01
C ASP A 164 30.70 -1.48 -4.91
N TYR A 165 29.39 -1.52 -5.22
CA TYR A 165 28.40 -0.96 -4.32
C TYR A 165 27.68 -2.08 -3.59
N SER A 166 28.02 -3.35 -3.87
CA SER A 166 27.33 -4.51 -3.31
C SER A 166 26.91 -4.28 -1.86
N GLY A 167 25.60 -4.46 -1.60
CA GLY A 167 25.06 -4.44 -0.26
C GLY A 167 25.08 -3.05 0.39
N GLN A 168 25.30 -1.97 -0.38
CA GLN A 168 25.11 -0.62 0.15
C GLN A 168 23.86 0.00 -0.46
N GLY A 169 23.20 0.88 0.30
CA GLY A 169 21.98 1.53 -0.15
C GLY A 169 20.82 0.54 -0.17
N VAL A 170 19.65 1.00 -0.65
CA VAL A 170 18.45 0.18 -0.65
C VAL A 170 18.30 -0.42 -2.04
N ASP A 171 18.05 -1.73 -2.09
CA ASP A 171 17.85 -2.35 -3.38
C ASP A 171 16.36 -2.31 -3.72
N GLN A 172 15.94 -1.22 -4.41
CA GLN A 172 14.51 -0.99 -4.55
C GLN A 172 13.94 -2.05 -5.50
N LEU A 173 14.68 -2.41 -6.55
CA LEU A 173 14.16 -3.34 -7.54
C LEU A 173 13.88 -4.71 -6.90
N GLN A 174 14.78 -5.19 -6.03
CA GLN A 174 14.58 -6.49 -5.40
C GLN A 174 13.49 -6.34 -4.34
N ARG A 175 13.43 -5.15 -3.68
CA ARG A 175 12.39 -4.97 -2.65
C ARG A 175 11.00 -5.04 -3.26
N VAL A 176 10.87 -4.43 -4.45
CA VAL A 176 9.59 -4.40 -5.14
C VAL A 176 9.23 -5.86 -5.42
N ILE A 177 10.20 -6.64 -5.89
CA ILE A 177 9.95 -8.03 -6.27
C ILE A 177 9.57 -8.84 -5.04
N ASP A 178 10.27 -8.65 -3.91
CA ASP A 178 9.94 -9.50 -2.77
C ASP A 178 8.56 -9.15 -2.20
N THR A 179 8.22 -7.83 -2.23
CA THR A 179 6.95 -7.35 -1.73
C THR A 179 5.87 -7.99 -2.58
N ILE A 180 6.05 -8.01 -3.89
CA ILE A 180 5.04 -8.63 -4.73
C ILE A 180 4.88 -10.10 -4.32
N LYS A 181 5.99 -10.82 -4.12
CA LYS A 181 5.92 -12.26 -3.83
C LYS A 181 5.21 -12.51 -2.51
N THR A 182 5.27 -11.57 -1.55
CA THR A 182 4.84 -11.93 -0.21
C THR A 182 3.53 -11.23 0.18
N ASN A 183 3.36 -9.95 -0.20
CA ASN A 183 2.13 -9.23 0.05
C ASN A 183 1.67 -8.42 -1.16
N PRO A 184 0.98 -9.05 -2.13
CA PRO A 184 0.57 -8.37 -3.36
C PRO A 184 -0.43 -7.25 -3.13
N ASP A 185 -1.12 -7.23 -1.99
CA ASP A 185 -2.09 -6.20 -1.69
C ASP A 185 -1.35 -4.91 -1.32
N ASP A 186 -0.03 -4.98 -1.16
CA ASP A 186 0.66 -3.85 -0.54
C ASP A 186 0.50 -2.55 -1.38
N ARG A 187 0.25 -1.42 -0.69
CA ARG A 187 0.03 -0.16 -1.39
C ARG A 187 1.28 0.72 -1.41
N ARG A 188 2.46 0.12 -1.18
CA ARG A 188 3.72 0.92 -1.15
C ARG A 188 4.76 0.29 -2.08
N ILE A 189 4.34 -0.51 -3.06
CA ILE A 189 5.34 -1.09 -3.94
C ILE A 189 5.84 0.00 -4.91
N ILE A 190 6.88 0.70 -4.47
CA ILE A 190 7.40 1.83 -5.21
C ILE A 190 8.89 1.66 -5.45
N MET A 191 9.33 2.07 -6.65
CA MET A 191 10.72 2.33 -6.92
C MET A 191 10.88 3.79 -7.37
N CYS A 192 11.90 4.48 -6.83
CA CYS A 192 11.95 5.92 -6.99
C CYS A 192 13.38 6.26 -7.35
N ALA A 193 13.58 6.99 -8.47
CA ALA A 193 14.91 7.35 -8.89
C ALA A 193 15.23 8.83 -8.62
N TRP A 194 14.21 9.60 -8.20
CA TRP A 194 14.40 10.98 -7.85
C TRP A 194 15.04 11.07 -6.48
N ASN A 195 16.35 11.34 -6.43
CA ASN A 195 17.09 11.43 -5.18
C ASN A 195 17.62 12.87 -5.02
N PRO A 196 16.88 13.81 -4.37
CA PRO A 196 17.30 15.22 -4.29
C PRO A 196 18.75 15.34 -3.88
N ARG A 197 19.21 14.35 -3.08
CA ARG A 197 20.56 14.42 -2.56
C ARG A 197 21.60 14.17 -3.66
N ASP A 198 21.27 13.39 -4.70
CA ASP A 198 22.21 12.95 -5.73
C ASP A 198 22.11 13.80 -7.01
N LEU A 199 21.05 14.63 -7.15
CA LEU A 199 20.82 15.39 -8.38
C LEU A 199 22.04 16.19 -8.79
N PRO A 200 22.76 16.85 -7.84
CA PRO A 200 23.97 17.62 -8.18
C PRO A 200 25.02 16.81 -8.93
N LEU A 201 25.07 15.50 -8.65
CA LEU A 201 26.11 14.61 -9.14
C LEU A 201 25.70 13.94 -10.46
N MET A 202 24.42 14.10 -10.86
CA MET A 202 23.88 13.38 -12.01
C MET A 202 24.11 14.17 -13.31
N ALA A 203 24.47 13.42 -14.36
CA ALA A 203 24.60 13.86 -15.73
C ALA A 203 23.30 14.55 -16.19
N LEU A 204 22.16 13.84 -16.03
CA LEU A 204 20.81 14.31 -16.32
C LEU A 204 19.90 13.97 -15.14
N PRO A 205 19.02 14.87 -14.65
CA PRO A 205 18.07 14.49 -13.61
C PRO A 205 17.05 13.52 -14.20
N PRO A 206 16.63 12.44 -13.50
CA PRO A 206 15.81 11.43 -14.16
C PRO A 206 14.46 12.00 -14.60
N CYS A 207 13.95 11.63 -15.79
CA CYS A 207 12.60 12.00 -16.20
C CYS A 207 11.58 11.09 -15.54
N HIS A 208 11.95 9.81 -15.40
CA HIS A 208 11.09 8.77 -14.81
C HIS A 208 11.34 8.75 -13.32
N ALA A 209 10.59 9.56 -12.56
CA ALA A 209 10.97 9.89 -11.20
C ALA A 209 10.58 8.75 -10.24
N LEU A 210 9.41 8.14 -10.48
CA LEU A 210 8.97 7.03 -9.66
C LEU A 210 8.00 6.18 -10.46
N CYS A 211 7.97 4.90 -10.04
CA CYS A 211 7.01 3.98 -10.59
C CYS A 211 6.39 3.18 -9.44
N GLN A 212 5.13 2.73 -9.61
CA GLN A 212 4.44 2.03 -8.53
C GLN A 212 3.85 0.77 -9.17
N PHE A 213 3.83 -0.33 -8.39
CA PHE A 213 3.26 -1.57 -8.87
C PHE A 213 2.05 -1.85 -7.99
N TYR A 214 1.17 -2.68 -8.54
CA TYR A 214 -0.16 -2.92 -8.07
C TYR A 214 -0.56 -4.30 -8.58
N VAL A 215 -1.24 -5.07 -7.73
CA VAL A 215 -1.62 -6.43 -8.07
C VAL A 215 -3.05 -6.59 -7.61
N VAL A 216 -3.92 -7.06 -8.49
CA VAL A 216 -5.21 -7.63 -8.12
C VAL A 216 -5.56 -8.68 -9.15
N ASN A 217 -6.31 -9.69 -8.71
CA ASN A 217 -6.66 -10.86 -9.52
C ASN A 217 -5.46 -11.40 -10.30
N SER A 218 -4.31 -11.55 -9.67
CA SER A 218 -3.18 -12.17 -10.35
C SER A 218 -2.66 -11.35 -11.54
N GLU A 219 -3.02 -10.07 -11.59
CA GLU A 219 -2.48 -9.24 -12.66
C GLU A 219 -1.62 -8.15 -12.03
N LEU A 220 -0.43 -7.95 -12.64
CA LEU A 220 0.55 -6.97 -12.18
C LEU A 220 0.44 -5.72 -13.04
N SER A 221 0.10 -4.59 -12.43
CA SER A 221 0.10 -3.30 -13.14
C SER A 221 1.25 -2.42 -12.68
N CYS A 222 1.55 -1.32 -13.46
CA CYS A 222 2.62 -0.43 -13.10
C CYS A 222 2.19 1.01 -13.48
N GLN A 223 2.36 1.99 -12.61
CA GLN A 223 2.12 3.38 -13.02
C GLN A 223 3.46 4.11 -12.96
N LEU A 224 3.90 4.73 -14.05
CA LEU A 224 5.09 5.55 -13.99
C LEU A 224 4.69 7.03 -13.87
N TYR A 225 5.37 7.75 -12.96
CA TYR A 225 5.36 9.20 -12.89
C TYR A 225 6.55 9.73 -13.68
N GLN A 226 6.29 10.33 -14.86
CA GLN A 226 7.33 10.91 -15.68
C GLN A 226 7.18 12.44 -15.65
N ARG A 227 8.16 13.14 -15.08
CA ARG A 227 8.07 14.56 -14.78
C ARG A 227 8.11 15.38 -16.07
N SER A 228 8.70 14.75 -17.08
CA SER A 228 9.01 15.50 -18.29
C SER A 228 8.93 14.57 -19.49
N GLY A 229 8.01 14.89 -20.41
CA GLY A 229 7.95 14.01 -21.56
C GLY A 229 8.05 14.75 -22.90
N ASP A 230 9.15 14.47 -23.63
CA ASP A 230 9.29 14.71 -25.06
C ASP A 230 8.42 13.70 -25.79
N MET A 231 7.29 14.24 -26.26
CA MET A 231 6.21 13.39 -26.75
C MET A 231 6.60 12.63 -28.02
N GLY A 232 7.26 13.37 -28.95
CA GLY A 232 7.84 12.83 -30.17
C GLY A 232 8.90 11.75 -29.96
N LEU A 233 10.02 12.12 -29.35
CA LEU A 233 11.20 11.24 -29.36
C LEU A 233 11.26 10.38 -28.10
N GLY A 234 10.83 10.93 -26.95
CA GLY A 234 11.00 10.21 -25.69
C GLY A 234 9.88 9.19 -25.42
N VAL A 235 8.65 9.69 -25.53
CA VAL A 235 7.56 9.01 -24.85
C VAL A 235 7.34 7.59 -25.38
N PRO A 236 7.38 7.34 -26.71
CA PRO A 236 7.16 5.99 -27.21
C PRO A 236 8.14 4.98 -26.65
N PHE A 237 9.42 5.37 -26.57
CA PHE A 237 10.51 4.61 -25.97
C PHE A 237 10.20 4.31 -24.51
N ASN A 238 9.75 5.36 -23.78
CA ASN A 238 9.51 5.24 -22.36
C ASN A 238 8.38 4.24 -22.06
N ILE A 239 7.29 4.25 -22.86
CA ILE A 239 6.19 3.33 -22.69
C ILE A 239 6.73 1.90 -22.84
N ALA A 240 7.56 1.68 -23.87
CA ALA A 240 8.02 0.33 -24.20
C ALA A 240 8.87 -0.17 -23.04
N SER A 241 9.54 0.79 -22.45
CA SER A 241 10.55 0.50 -21.47
C SER A 241 9.91 0.06 -20.14
N TYR A 242 8.83 0.75 -19.75
CA TYR A 242 8.13 0.40 -18.54
C TYR A 242 7.23 -0.84 -18.76
N ALA A 243 6.66 -1.00 -19.96
CA ALA A 243 5.86 -2.17 -20.22
C ALA A 243 6.77 -3.38 -20.05
N LEU A 244 8.04 -3.22 -20.47
CA LEU A 244 8.96 -4.32 -20.54
C LEU A 244 9.34 -4.63 -19.10
N LEU A 245 9.58 -3.58 -18.31
CA LEU A 245 9.84 -3.82 -16.90
C LEU A 245 8.70 -4.66 -16.28
N THR A 246 7.45 -4.36 -16.69
CA THR A 246 6.30 -4.98 -16.03
C THR A 246 6.25 -6.48 -16.36
N TYR A 247 6.53 -6.80 -17.60
CA TYR A 247 6.51 -8.17 -18.08
C TYR A 247 7.60 -8.94 -17.37
N MET A 248 8.74 -8.27 -17.20
CA MET A 248 9.86 -8.93 -16.54
C MET A 248 9.45 -9.31 -15.12
N ILE A 249 8.95 -8.29 -14.41
CA ILE A 249 8.55 -8.47 -13.04
C ILE A 249 7.39 -9.45 -12.96
N ALA A 250 6.40 -9.33 -13.86
CA ALA A 250 5.29 -10.29 -13.90
C ALA A 250 5.86 -11.72 -13.99
N HIS A 251 6.89 -11.88 -14.82
CA HIS A 251 7.35 -13.21 -15.19
C HIS A 251 8.01 -13.89 -14.00
N ILE A 252 8.81 -13.11 -13.27
CA ILE A 252 9.48 -13.72 -12.15
C ILE A 252 8.59 -13.78 -10.91
N THR A 253 7.51 -13.00 -10.85
CA THR A 253 6.60 -13.22 -9.75
C THR A 253 5.42 -14.16 -10.06
N GLY A 254 5.32 -14.77 -11.26
CA GLY A 254 4.22 -15.64 -11.67
C GLY A 254 2.86 -14.93 -11.85
N LEU A 255 2.89 -13.63 -12.22
CA LEU A 255 1.64 -12.89 -12.39
C LEU A 255 1.50 -12.64 -13.88
N LYS A 256 0.27 -12.33 -14.29
CA LYS A 256 0.04 -11.93 -15.66
C LYS A 256 0.20 -10.41 -15.71
N PRO A 257 0.81 -9.89 -16.77
CA PRO A 257 0.83 -8.43 -17.00
C PRO A 257 -0.57 -7.84 -17.11
N GLY A 258 -0.81 -6.72 -16.40
CA GLY A 258 -2.10 -6.07 -16.38
C GLY A 258 -2.17 -4.81 -17.27
N ASP A 259 -2.00 -3.63 -16.65
CA ASP A 259 -1.98 -2.33 -17.31
C ASP A 259 -0.71 -1.57 -16.99
N PHE A 260 -0.27 -0.75 -17.95
CA PHE A 260 0.79 0.19 -17.69
C PHE A 260 0.12 1.57 -17.70
N ILE A 261 0.18 2.33 -16.58
CA ILE A 261 -0.51 3.59 -16.55
C ILE A 261 0.61 4.61 -16.69
N HIS A 262 0.55 5.42 -17.73
CA HIS A 262 1.66 6.36 -17.89
C HIS A 262 1.17 7.72 -17.44
N THR A 263 1.79 8.25 -16.37
CA THR A 263 1.42 9.59 -15.96
C THR A 263 2.55 10.59 -16.31
N LEU A 264 2.14 11.77 -16.80
CA LEU A 264 3.07 12.82 -17.23
C LEU A 264 2.87 14.09 -16.42
N GLY A 265 4.02 14.72 -16.13
CA GLY A 265 4.13 16.10 -15.66
C GLY A 265 3.98 17.03 -16.85
N ASP A 266 5.13 17.54 -17.30
CA ASP A 266 5.20 18.45 -18.43
C ASP A 266 5.26 17.64 -19.72
N ALA A 267 4.09 17.42 -20.32
CA ALA A 267 4.02 16.70 -21.58
C ALA A 267 4.21 17.72 -22.72
N HIS A 268 5.29 17.55 -23.52
CA HIS A 268 5.61 18.57 -24.52
C HIS A 268 5.95 17.94 -25.88
N ILE A 269 5.60 18.72 -26.90
CA ILE A 269 6.05 18.49 -28.25
C ILE A 269 6.99 19.66 -28.59
N TYR A 270 8.23 19.33 -28.96
CA TYR A 270 9.13 20.36 -29.45
C TYR A 270 8.60 20.92 -30.77
N LEU A 271 8.83 22.24 -30.99
CA LEU A 271 8.25 22.93 -32.14
C LEU A 271 8.58 22.21 -33.45
N ASN A 272 9.84 21.77 -33.60
CA ASN A 272 10.38 21.08 -34.77
C ASN A 272 10.03 19.58 -34.78
N HIS A 273 9.09 19.12 -33.94
CA HIS A 273 8.60 17.75 -34.02
C HIS A 273 7.18 17.74 -34.59
N ILE A 274 6.62 18.95 -34.73
CA ILE A 274 5.25 19.10 -35.19
C ILE A 274 5.10 18.46 -36.56
N GLU A 275 6.00 18.79 -37.50
CA GLU A 275 5.86 18.22 -38.83
C GLU A 275 6.07 16.70 -38.81
N PRO A 276 7.18 16.13 -38.28
CA PRO A 276 7.30 14.67 -38.21
C PRO A 276 6.05 14.01 -37.62
N LEU A 277 5.41 14.66 -36.65
CA LEU A 277 4.30 14.06 -35.93
C LEU A 277 3.02 14.12 -36.74
N LYS A 278 2.85 15.17 -37.53
CA LYS A 278 1.65 15.25 -38.34
C LYS A 278 1.66 14.15 -39.40
N ILE A 279 2.88 13.82 -39.87
CA ILE A 279 3.05 12.67 -40.74
C ILE A 279 2.69 11.42 -39.94
N GLN A 280 3.15 11.32 -38.69
CA GLN A 280 2.87 10.11 -37.95
C GLN A 280 1.36 9.94 -37.82
N LEU A 281 0.67 11.08 -37.62
CA LEU A 281 -0.74 11.04 -37.30
C LEU A 281 -1.56 10.56 -38.48
N GLN A 282 -0.96 10.54 -39.67
CA GLN A 282 -1.71 10.05 -40.81
C GLN A 282 -1.65 8.52 -40.90
N ARG A 283 -0.74 7.85 -40.18
CA ARG A 283 -0.58 6.42 -40.40
C ARG A 283 -1.59 5.61 -39.58
N GLU A 284 -1.85 4.40 -40.06
CA GLU A 284 -2.84 3.53 -39.47
C GLU A 284 -2.19 2.62 -38.44
N PRO A 285 -2.58 2.63 -37.13
CA PRO A 285 -1.99 1.67 -36.20
C PRO A 285 -2.08 0.26 -36.78
N ARG A 286 -1.07 -0.56 -36.50
CA ARG A 286 -1.11 -1.97 -36.86
C ARG A 286 -1.19 -2.71 -35.53
N PRO A 287 -1.54 -4.01 -35.53
CA PRO A 287 -1.67 -4.74 -34.26
C PRO A 287 -0.39 -4.59 -33.46
N PHE A 288 -0.50 -4.43 -32.14
CA PHE A 288 0.70 -4.42 -31.33
C PHE A 288 1.35 -5.78 -31.42
N PRO A 289 2.69 -5.87 -31.28
CA PRO A 289 3.35 -7.18 -31.23
C PRO A 289 2.95 -7.91 -29.94
N LYS A 290 3.34 -9.18 -29.81
CA LYS A 290 3.37 -9.85 -28.52
C LYS A 290 4.82 -9.87 -28.03
N LEU A 291 5.02 -9.98 -26.72
CA LEU A 291 6.37 -10.15 -26.24
C LEU A 291 6.53 -11.58 -25.66
N ARG A 292 7.33 -12.43 -26.30
CA ARG A 292 7.60 -13.77 -25.73
C ARG A 292 8.91 -13.78 -24.94
N ILE A 293 8.83 -14.26 -23.69
CA ILE A 293 10.00 -14.59 -22.87
C ILE A 293 10.31 -16.08 -23.02
N LEU A 294 11.54 -16.42 -23.41
CA LEU A 294 11.81 -17.72 -24.03
C LEU A 294 12.09 -18.84 -23.01
N ARG A 295 12.52 -18.49 -21.79
CA ARG A 295 12.80 -19.47 -20.75
C ARG A 295 12.31 -18.92 -19.41
N LYS A 296 11.96 -19.82 -18.47
CA LYS A 296 11.65 -19.47 -17.10
C LYS A 296 12.91 -18.86 -16.48
N VAL A 297 12.79 -17.64 -15.91
CA VAL A 297 13.93 -16.94 -15.32
C VAL A 297 13.60 -16.65 -13.86
N GLU A 298 14.56 -16.82 -12.94
CA GLU A 298 14.27 -16.88 -11.51
C GLU A 298 14.52 -15.53 -10.81
N LYS A 299 15.69 -14.95 -11.08
CA LYS A 299 16.09 -13.65 -10.55
C LYS A 299 16.11 -12.67 -11.71
N ILE A 300 15.61 -11.46 -11.46
CA ILE A 300 15.63 -10.38 -12.44
C ILE A 300 17.04 -10.19 -13.01
N ASP A 301 18.07 -10.48 -12.19
CA ASP A 301 19.45 -10.27 -12.62
C ASP A 301 19.84 -11.23 -13.74
N ASP A 302 19.11 -12.35 -13.87
CA ASP A 302 19.50 -13.44 -14.76
C ASP A 302 19.05 -13.20 -16.19
N PHE A 303 18.12 -12.26 -16.39
CA PHE A 303 17.58 -12.04 -17.72
C PHE A 303 18.73 -11.52 -18.57
N LYS A 304 18.83 -12.10 -19.76
CA LYS A 304 19.74 -11.72 -20.83
C LYS A 304 18.90 -11.19 -21.99
N ALA A 305 19.49 -10.38 -22.88
CA ALA A 305 18.77 -9.85 -24.04
C ALA A 305 18.19 -10.97 -24.90
N GLU A 306 18.82 -12.16 -24.90
CA GLU A 306 18.41 -13.26 -25.79
C GLU A 306 17.15 -13.97 -25.29
N ASP A 307 16.83 -13.79 -24.00
CA ASP A 307 15.62 -14.28 -23.37
C ASP A 307 14.32 -13.77 -24.01
N PHE A 308 14.39 -12.68 -24.80
CA PHE A 308 13.17 -11.96 -25.15
C PHE A 308 12.98 -11.97 -26.66
N GLN A 309 11.75 -12.22 -27.14
CA GLN A 309 11.47 -12.13 -28.57
C GLN A 309 10.22 -11.31 -28.81
N ILE A 310 10.39 -10.22 -29.56
CA ILE A 310 9.24 -9.45 -29.98
C ILE A 310 8.65 -10.19 -31.16
N GLU A 311 7.35 -10.45 -31.16
CA GLU A 311 6.89 -11.20 -32.32
C GLU A 311 5.74 -10.47 -32.97
N GLY A 312 5.69 -10.45 -34.29
CA GLY A 312 4.64 -9.81 -35.05
C GLY A 312 4.77 -8.29 -35.11
N TYR A 313 5.98 -7.72 -35.02
CA TYR A 313 6.16 -6.27 -35.12
C TYR A 313 6.61 -5.84 -36.52
N ASN A 314 5.71 -5.38 -37.37
CA ASN A 314 6.11 -4.74 -38.62
C ASN A 314 5.55 -3.32 -38.64
N PRO A 315 6.25 -2.36 -38.00
CA PRO A 315 5.69 -1.02 -37.83
C PRO A 315 5.86 -0.26 -39.13
N HIS A 316 5.12 0.86 -39.22
CA HIS A 316 5.34 1.88 -40.25
C HIS A 316 6.77 2.37 -40.13
N PRO A 317 7.34 3.05 -41.16
CA PRO A 317 8.75 3.40 -41.08
C PRO A 317 9.12 4.33 -39.93
N THR A 318 10.38 4.22 -39.53
CA THR A 318 10.98 5.17 -38.61
C THR A 318 10.74 6.63 -39.04
N ILE A 319 10.62 7.51 -38.03
CA ILE A 319 10.47 8.96 -38.20
C ILE A 319 11.47 9.64 -37.29
N LYS A 320 12.52 10.21 -37.89
CA LYS A 320 13.51 10.92 -37.12
C LYS A 320 12.89 12.22 -36.62
N MET A 321 13.33 12.60 -35.43
CA MET A 321 12.92 13.85 -34.82
C MET A 321 14.21 14.38 -34.23
N GLU A 322 14.58 15.64 -34.55
CA GLU A 322 15.82 16.17 -33.98
C GLU A 322 15.78 16.15 -32.45
N MET A 323 16.82 15.60 -31.82
CA MET A 323 17.09 15.72 -30.39
C MET A 323 17.19 17.19 -29.96
N ALA A 324 16.56 17.56 -28.84
CA ALA A 324 16.60 18.94 -28.37
C ALA A 324 17.84 19.17 -27.47
N PRO B 38 -19.05 25.78 -17.41
CA PRO B 38 -18.04 24.80 -16.97
C PRO B 38 -18.52 23.95 -15.79
N PRO B 39 -18.43 22.60 -15.84
CA PRO B 39 -18.83 21.76 -14.70
C PRO B 39 -18.09 22.14 -13.40
N HIS B 40 -18.79 22.08 -12.27
CA HIS B 40 -18.19 22.13 -10.95
C HIS B 40 -17.04 21.12 -10.83
N GLY B 41 -15.86 21.64 -10.47
CA GLY B 41 -14.67 20.91 -10.06
C GLY B 41 -14.99 19.72 -9.17
N GLU B 42 -15.96 19.87 -8.25
CA GLU B 42 -16.20 18.83 -7.29
C GLU B 42 -16.59 17.55 -8.03
N LEU B 43 -17.19 17.72 -9.22
CA LEU B 43 -17.69 16.58 -9.98
C LEU B 43 -16.58 15.60 -10.36
N GLN B 44 -15.35 16.10 -10.50
CA GLN B 44 -14.17 15.30 -10.72
C GLN B 44 -14.07 14.26 -9.60
N TYR B 45 -14.12 14.75 -8.35
CA TYR B 45 -13.99 13.86 -7.20
C TYR B 45 -15.17 12.88 -7.18
N LEU B 46 -16.38 13.42 -7.27
CA LEU B 46 -17.54 12.58 -7.13
C LEU B 46 -17.58 11.52 -8.23
N GLY B 47 -17.18 11.88 -9.46
CA GLY B 47 -17.14 10.95 -10.58
C GLY B 47 -16.09 9.86 -10.40
N GLN B 48 -15.08 10.14 -9.57
CA GLN B 48 -14.09 9.13 -9.22
C GLN B 48 -14.70 8.08 -8.27
N ILE B 49 -15.44 8.57 -7.26
CA ILE B 49 -16.18 7.74 -6.33
C ILE B 49 -17.08 6.80 -7.14
N GLN B 50 -17.83 7.38 -8.08
CA GLN B 50 -18.73 6.65 -8.94
C GLN B 50 -17.97 5.56 -9.65
N HIS B 51 -16.85 5.94 -10.31
CA HIS B 51 -16.11 4.99 -11.12
C HIS B 51 -15.65 3.82 -10.26
N ILE B 52 -15.21 4.10 -9.05
CA ILE B 52 -14.66 3.02 -8.25
C ILE B 52 -15.82 2.11 -7.81
N LEU B 53 -16.99 2.69 -7.45
CA LEU B 53 -18.18 1.94 -7.07
C LEU B 53 -18.57 1.01 -8.21
N ARG B 54 -18.68 1.54 -9.42
CA ARG B 54 -19.07 0.79 -10.60
C ARG B 54 -17.96 -0.15 -11.05
N SCH B 55 -16.68 0.21 -10.85
CA SCH B 55 -15.66 -0.44 -11.67
CB SCH B 55 -15.10 0.48 -12.72
SG SCH B 55 -16.19 0.77 -14.14
SD SCH B 55 -15.79 -0.87 -15.33
CE SCH B 55 -16.59 -2.37 -14.68
C SCH B 55 -14.57 -1.03 -10.80
O SCH B 55 -13.77 -1.85 -11.25
N GLY B 56 -14.53 -0.62 -9.55
CA GLY B 56 -13.43 -1.06 -8.72
C GLY B 56 -13.51 -2.57 -8.50
N VAL B 57 -12.41 -3.18 -8.07
CA VAL B 57 -12.44 -4.60 -7.75
C VAL B 57 -12.09 -4.72 -6.28
N ARG B 58 -12.65 -5.79 -5.67
CA ARG B 58 -12.49 -6.06 -4.26
C ARG B 58 -11.03 -6.32 -4.10
N LYS B 59 -10.45 -5.85 -2.99
CA LYS B 59 -9.05 -6.02 -2.65
C LYS B 59 -8.99 -5.89 -1.14
N ASP B 60 -8.24 -6.80 -0.48
CA ASP B 60 -8.16 -6.83 0.99
C ASP B 60 -7.14 -5.80 1.49
N ASP B 61 -7.25 -5.37 2.75
CA ASP B 61 -6.25 -4.56 3.45
C ASP B 61 -6.13 -5.13 4.88
N ARG B 62 -5.21 -4.58 5.69
CA ARG B 62 -4.79 -5.26 6.92
C ARG B 62 -5.90 -5.24 7.98
N THR B 63 -6.79 -4.24 7.88
CA THR B 63 -7.84 -3.93 8.85
C THR B 63 -8.91 -5.04 8.81
N GLY B 64 -9.10 -5.65 7.62
CA GLY B 64 -10.18 -6.61 7.36
C GLY B 64 -11.50 -5.89 7.03
N THR B 65 -11.40 -4.56 6.80
CA THR B 65 -12.52 -3.76 6.33
C THR B 65 -12.84 -4.15 4.88
N GLY B 66 -11.78 -4.39 4.07
CA GLY B 66 -11.82 -4.57 2.61
C GLY B 66 -11.99 -3.21 1.88
N THR B 67 -11.66 -3.19 0.57
CA THR B 67 -11.86 -2.00 -0.26
C THR B 67 -12.39 -2.43 -1.62
N LEU B 68 -13.05 -1.51 -2.33
CA LEU B 68 -13.09 -1.52 -3.78
C LEU B 68 -11.96 -0.59 -4.25
N SER B 69 -11.27 -0.99 -5.32
CA SER B 69 -9.97 -0.45 -5.69
C SER B 69 -9.84 -0.33 -7.21
N VAL B 70 -9.14 0.75 -7.62
CA VAL B 70 -8.81 0.98 -9.02
C VAL B 70 -7.36 1.45 -9.03
N PHE B 71 -6.53 0.95 -9.96
CA PHE B 71 -5.19 1.48 -9.97
C PHE B 71 -5.01 2.57 -11.07
N GLY B 72 -4.61 3.79 -10.72
CA GLY B 72 -4.25 4.82 -11.71
C GLY B 72 -5.46 5.71 -12.03
N MET B 73 -5.49 6.93 -11.47
CA MET B 73 -6.54 7.88 -11.80
C MET B 73 -5.94 9.31 -11.78
N GLN B 74 -6.64 10.28 -12.39
CA GLN B 74 -6.11 11.63 -12.44
C GLN B 74 -7.30 12.57 -12.52
N ALA B 75 -7.27 13.64 -11.72
CA ALA B 75 -8.32 14.61 -11.85
C ALA B 75 -7.62 15.96 -11.78
N ARG B 76 -8.26 16.95 -12.40
CA ARG B 76 -7.72 18.30 -12.53
C ARG B 76 -8.68 19.24 -11.79
N TYR B 77 -8.17 20.00 -10.80
CA TYR B 77 -8.98 20.98 -10.10
C TYR B 77 -8.49 22.39 -10.38
N SER B 78 -9.31 23.20 -11.04
CA SER B 78 -8.95 24.60 -11.30
C SER B 78 -8.81 25.33 -9.97
N LEU B 79 -7.73 26.09 -9.81
CA LEU B 79 -7.47 26.92 -8.65
C LEU B 79 -7.76 28.42 -8.96
N ARG B 80 -8.25 28.75 -10.16
CA ARG B 80 -8.35 30.15 -10.57
C ARG B 80 -9.58 30.77 -9.90
N ASP B 81 -9.37 31.62 -8.88
CA ASP B 81 -10.47 32.40 -8.30
C ASP B 81 -11.47 31.54 -7.51
N GLU B 82 -11.05 30.35 -7.18
CA GLU B 82 -11.82 29.52 -6.27
C GLU B 82 -10.85 28.52 -5.64
N PHE B 83 -11.32 27.84 -4.59
CA PHE B 83 -10.42 27.00 -3.83
C PHE B 83 -11.16 25.66 -3.62
N PRO B 84 -10.69 24.54 -4.17
CA PRO B 84 -11.45 23.26 -4.05
C PRO B 84 -11.51 22.65 -2.67
N LEU B 85 -12.26 23.31 -1.78
CA LEU B 85 -12.62 22.68 -0.51
C LEU B 85 -13.99 22.05 -0.66
N LEU B 86 -14.05 20.72 -0.59
CA LEU B 86 -15.25 20.02 -1.01
C LEU B 86 -16.47 20.55 -0.26
N THR B 87 -17.62 20.63 -0.97
CA THR B 87 -18.84 21.17 -0.40
C THR B 87 -19.90 20.12 -0.10
N THR B 88 -19.74 18.88 -0.62
CA THR B 88 -20.81 17.90 -0.41
C THR B 88 -20.60 17.12 0.88
N LYS B 89 -19.54 17.43 1.60
CA LYS B 89 -19.41 17.12 3.01
C LYS B 89 -18.53 18.20 3.57
N ARG B 90 -18.54 18.43 4.89
CA ARG B 90 -17.55 19.37 5.45
C ARG B 90 -16.16 18.74 5.49
N VAL B 91 -15.15 19.52 5.06
CA VAL B 91 -13.74 19.17 5.15
C VAL B 91 -13.14 19.92 6.34
N PHE B 92 -12.20 19.26 7.04
CA PHE B 92 -11.53 19.75 8.24
C PHE B 92 -10.40 20.73 7.89
N TRP B 93 -10.83 21.94 7.47
CA TRP B 93 -9.99 22.99 6.91
C TRP B 93 -8.88 23.40 7.86
N LYS B 94 -9.21 23.57 9.14
CA LYS B 94 -8.24 23.92 10.17
C LYS B 94 -7.23 22.79 10.37
N GLY B 95 -7.63 21.51 10.19
CA GLY B 95 -6.64 20.45 10.21
C GLY B 95 -5.67 20.61 9.04
N VAL B 96 -6.27 20.90 7.88
CA VAL B 96 -5.52 21.10 6.67
C VAL B 96 -4.49 22.21 6.86
N LEU B 97 -4.90 23.39 7.40
CA LEU B 97 -4.04 24.57 7.45
C LEU B 97 -2.95 24.38 8.51
N GLU B 98 -3.36 23.97 9.72
CA GLU B 98 -2.40 23.68 10.81
C GLU B 98 -1.38 22.65 10.33
N GLU B 99 -1.85 21.50 9.83
CA GLU B 99 -0.97 20.43 9.32
C GLU B 99 0.02 20.92 8.25
N LEU B 100 -0.46 21.64 7.24
CA LEU B 100 0.47 22.21 6.26
C LEU B 100 1.51 23.15 6.89
N LEU B 101 1.10 23.99 7.85
CA LEU B 101 2.06 24.91 8.44
C LEU B 101 3.06 24.12 9.26
N TRP B 102 2.59 23.02 9.85
CA TRP B 102 3.41 22.12 10.64
C TRP B 102 4.48 21.43 9.78
N PHE B 103 4.14 21.05 8.55
CA PHE B 103 5.12 20.48 7.65
C PHE B 103 6.14 21.53 7.26
N ILE B 104 5.66 22.76 7.05
CA ILE B 104 6.54 23.76 6.48
C ILE B 104 7.64 24.04 7.51
N LYS B 105 7.34 23.88 8.80
CA LYS B 105 8.31 24.16 9.84
C LYS B 105 9.31 23.02 9.96
N GLY B 106 9.08 21.91 9.24
CA GLY B 106 9.93 20.74 9.35
C GLY B 106 9.74 19.95 10.65
N SER B 107 8.64 20.16 11.37
CA SER B 107 8.38 19.42 12.61
C SER B 107 8.08 17.95 12.34
N THR B 108 8.51 17.07 13.24
CA THR B 108 8.21 15.63 13.17
C THR B 108 7.70 15.17 14.54
N ASN B 109 7.31 16.16 15.35
CA ASN B 109 6.74 16.00 16.67
C ASN B 109 5.22 16.22 16.66
N ALA B 110 4.45 15.14 16.86
CA ALA B 110 3.00 15.21 16.86
C ALA B 110 2.48 16.24 17.87
N LYS B 111 3.20 16.43 18.98
CA LYS B 111 2.70 17.30 20.02
C LYS B 111 2.67 18.74 19.52
N GLU B 112 3.51 19.11 18.54
CA GLU B 112 3.53 20.49 18.10
C GLU B 112 2.26 20.78 17.29
N LEU B 113 1.65 19.75 16.70
CA LEU B 113 0.43 19.94 15.93
C LEU B 113 -0.75 19.91 16.90
N SER B 114 -0.63 19.00 17.87
CA SER B 114 -1.67 18.71 18.83
C SER B 114 -1.98 19.97 19.63
N SER B 115 -0.94 20.77 19.91
CA SER B 115 -1.14 22.02 20.64
C SER B 115 -1.94 23.04 19.83
N LYS B 116 -2.10 22.81 18.52
CA LYS B 116 -2.82 23.76 17.69
C LYS B 116 -4.29 23.40 17.63
N GLY B 117 -4.64 22.29 18.27
CA GLY B 117 -6.01 21.79 18.24
C GLY B 117 -6.22 20.72 17.17
N VAL B 118 -5.14 20.17 16.60
CA VAL B 118 -5.35 19.18 15.54
C VAL B 118 -4.67 17.89 15.95
N LYS B 119 -5.44 16.81 16.04
CA LYS B 119 -4.93 15.63 16.74
C LYS B 119 -4.62 14.50 15.76
N ILE B 120 -4.56 14.81 14.46
CA ILE B 120 -4.57 13.75 13.45
C ILE B 120 -3.37 12.83 13.56
N TRP B 121 -2.22 13.30 14.07
CA TRP B 121 -1.00 12.50 14.14
C TRP B 121 -0.77 11.86 15.52
N ASP B 122 -1.61 12.24 16.49
CA ASP B 122 -1.42 11.90 17.89
C ASP B 122 -1.25 10.38 18.10
N ALA B 123 -2.15 9.54 17.54
CA ALA B 123 -2.08 8.09 17.74
C ALA B 123 -0.73 7.51 17.33
N ASN B 124 -0.18 8.06 16.25
CA ASN B 124 1.01 7.53 15.59
C ASN B 124 2.28 7.85 16.37
N GLY B 125 2.17 8.75 17.37
CA GLY B 125 3.31 9.23 18.13
C GLY B 125 3.30 8.67 19.55
N SER B 126 2.17 8.05 19.91
CA SER B 126 1.91 7.59 21.26
C SER B 126 2.88 6.48 21.63
N ARG B 127 3.05 6.28 22.94
CA ARG B 127 3.89 5.23 23.50
C ARG B 127 3.51 3.86 22.92
N ASP B 128 2.21 3.52 22.93
CA ASP B 128 1.78 2.20 22.47
C ASP B 128 2.08 2.03 20.98
N PHE B 129 1.78 3.04 20.14
CA PHE B 129 2.05 2.89 18.71
C PHE B 129 3.56 2.73 18.43
N LEU B 130 4.38 3.52 19.14
CA LEU B 130 5.80 3.56 18.84
C LEU B 130 6.40 2.19 19.15
N ASP B 131 6.00 1.65 20.30
CA ASP B 131 6.33 0.31 20.76
C ASP B 131 5.93 -0.74 19.73
N SER B 132 4.69 -0.66 19.21
CA SER B 132 4.21 -1.51 18.13
C SER B 132 5.13 -1.50 16.91
N LEU B 133 5.83 -0.37 16.66
CA LEU B 133 6.77 -0.33 15.53
C LEU B 133 8.19 -0.68 15.99
N GLY B 134 8.40 -0.84 17.29
CA GLY B 134 9.70 -1.27 17.78
C GLY B 134 10.59 -0.06 18.04
N PHE B 135 10.02 1.15 18.05
CA PHE B 135 10.78 2.31 18.48
C PHE B 135 10.56 2.51 19.98
N SER B 136 11.01 1.50 20.75
CA SER B 136 10.61 1.37 22.15
C SER B 136 11.17 2.55 22.93
N THR B 137 12.32 3.05 22.47
CA THR B 137 13.05 4.02 23.25
C THR B 137 12.76 5.44 22.76
N ARG B 138 11.73 5.65 21.92
CA ARG B 138 11.54 6.97 21.32
C ARG B 138 10.62 7.84 22.19
N GLU B 139 10.98 9.11 22.38
CA GLU B 139 10.10 10.00 23.12
C GLU B 139 8.72 9.97 22.48
N GLU B 140 7.67 10.04 23.30
CA GLU B 140 6.36 10.11 22.68
C GLU B 140 6.20 11.45 21.96
N GLY B 141 5.53 11.38 20.80
CA GLY B 141 5.31 12.49 19.86
C GLY B 141 6.25 12.40 18.65
N ASP B 142 7.39 11.74 18.83
CA ASP B 142 8.41 11.55 17.80
C ASP B 142 7.94 10.64 16.67
N LEU B 143 7.59 11.23 15.51
CA LEU B 143 7.06 10.45 14.38
C LEU B 143 8.17 9.90 13.48
N GLY B 144 9.40 10.25 13.75
CA GLY B 144 10.47 9.88 12.84
C GLY B 144 10.47 10.84 11.66
N PRO B 145 11.25 10.53 10.60
CA PRO B 145 11.39 11.46 9.47
C PRO B 145 10.23 11.49 8.46
N VAL B 146 9.09 12.06 8.87
CA VAL B 146 7.94 12.21 8.00
C VAL B 146 7.99 13.55 7.27
N TYR B 147 6.85 13.95 6.69
CA TYR B 147 6.78 15.00 5.70
C TYR B 147 7.69 16.17 6.01
N GLY B 148 7.49 16.81 7.17
CA GLY B 148 8.24 17.99 7.55
C GLY B 148 9.76 17.81 7.38
N PHE B 149 10.22 16.60 7.75
CA PHE B 149 11.65 16.35 7.72
C PHE B 149 12.18 16.25 6.29
N GLN B 150 11.43 15.53 5.43
CA GLN B 150 11.83 15.27 4.06
C GLN B 150 11.75 16.56 3.22
N TRP B 151 10.75 17.40 3.51
CA TRP B 151 10.48 18.65 2.82
C TRP B 151 11.61 19.66 3.04
N ARG B 152 12.09 19.74 4.28
CA ARG B 152 13.02 20.76 4.70
C ARG B 152 14.43 20.19 4.81
N HIS B 153 14.57 18.87 5.05
CA HIS B 153 15.90 18.37 5.37
C HIS B 153 16.22 17.05 4.67
N PHE B 154 15.82 16.91 3.39
CA PHE B 154 15.87 15.63 2.71
C PHE B 154 17.29 15.09 2.68
N GLY B 155 17.48 13.90 3.29
CA GLY B 155 18.73 13.17 3.20
C GLY B 155 19.64 13.45 4.39
N ALA B 156 19.23 14.34 5.30
CA ALA B 156 19.94 14.44 6.57
C ALA B 156 19.72 13.16 7.39
N GLU B 157 20.67 12.81 8.27
CA GLU B 157 20.55 11.66 9.17
C GLU B 157 19.54 12.00 10.26
N TYR B 158 18.45 11.25 10.35
CA TYR B 158 17.45 11.65 11.31
C TYR B 158 17.90 11.38 12.73
N ARG B 159 17.77 12.38 13.61
CA ARG B 159 18.25 12.27 14.97
C ARG B 159 17.00 12.06 15.84
N ASP B 160 16.41 13.15 16.34
CA ASP B 160 15.07 13.02 16.90
C ASP B 160 14.29 14.31 16.64
N MET B 161 13.03 14.31 17.08
CA MET B 161 12.12 15.39 16.77
C MET B 161 12.55 16.67 17.47
N GLU B 162 13.58 16.58 18.32
CA GLU B 162 13.96 17.72 19.13
C GLU B 162 15.11 18.47 18.47
N SER B 163 15.79 17.84 17.51
CA SER B 163 17.12 18.27 17.06
C SER B 163 17.05 19.54 16.19
N ASP B 164 18.17 20.25 16.08
CA ASP B 164 18.27 21.32 15.09
C ASP B 164 18.87 20.75 13.81
N TYR B 165 18.19 21.04 12.71
CA TYR B 165 18.55 20.44 11.45
C TYR B 165 19.12 21.45 10.47
N SER B 166 19.04 22.76 10.80
CA SER B 166 19.41 23.80 9.83
C SER B 166 20.81 23.55 9.28
N GLY B 167 20.96 23.70 7.96
CA GLY B 167 22.18 23.33 7.29
C GLY B 167 22.20 21.89 6.78
N GLN B 168 21.39 20.99 7.37
CA GLN B 168 21.50 19.62 6.88
C GLN B 168 20.35 19.30 5.91
N GLY B 169 20.61 18.30 5.05
CA GLY B 169 19.68 17.83 4.03
C GLY B 169 19.38 18.89 2.96
N VAL B 170 18.46 18.54 2.04
CA VAL B 170 18.06 19.43 0.98
C VAL B 170 16.76 20.10 1.38
N ASP B 171 16.77 21.43 1.43
CA ASP B 171 15.55 22.18 1.70
C ASP B 171 14.76 22.23 0.38
N GLN B 172 13.95 21.19 0.15
CA GLN B 172 13.30 21.03 -1.13
C GLN B 172 12.25 22.14 -1.28
N LEU B 173 11.55 22.47 -0.19
CA LEU B 173 10.48 23.46 -0.30
C LEU B 173 11.03 24.83 -0.77
N GLN B 174 12.15 25.26 -0.19
CA GLN B 174 12.73 26.58 -0.53
C GLN B 174 13.34 26.53 -1.92
N ARG B 175 13.93 25.38 -2.25
CA ARG B 175 14.59 25.17 -3.58
C ARG B 175 13.52 25.26 -4.67
N VAL B 176 12.35 24.70 -4.40
CA VAL B 176 11.25 24.71 -5.35
C VAL B 176 10.82 26.18 -5.56
N ILE B 177 10.73 26.92 -4.46
CA ILE B 177 10.40 28.34 -4.46
C ILE B 177 11.45 29.12 -5.26
N ASP B 178 12.74 28.95 -4.93
CA ASP B 178 13.81 29.67 -5.62
C ASP B 178 13.77 29.39 -7.12
N THR B 179 13.42 28.14 -7.48
CA THR B 179 13.44 27.76 -8.87
C THR B 179 12.26 28.41 -9.62
N ILE B 180 11.05 28.42 -9.00
CA ILE B 180 9.93 29.14 -9.61
C ILE B 180 10.27 30.61 -9.91
N LYS B 181 10.95 31.32 -9.01
CA LYS B 181 11.21 32.74 -9.24
C LYS B 181 12.26 32.96 -10.34
N THR B 182 13.32 32.14 -10.34
CA THR B 182 14.45 32.36 -11.22
C THR B 182 14.30 31.60 -12.54
N ASN B 183 13.69 30.40 -12.55
CA ASN B 183 13.68 29.59 -13.77
C ASN B 183 12.31 28.93 -13.90
N PRO B 184 11.24 29.71 -14.21
CA PRO B 184 9.87 29.18 -14.18
C PRO B 184 9.61 28.10 -15.21
N ASP B 185 10.51 28.01 -16.17
CA ASP B 185 10.31 27.07 -17.26
C ASP B 185 10.76 25.66 -16.87
N ASP B 186 11.37 25.54 -15.69
CA ASP B 186 12.08 24.34 -15.28
C ASP B 186 11.06 23.17 -15.16
N ARG B 187 11.46 22.03 -15.72
CA ARG B 187 10.67 20.79 -15.75
C ARG B 187 11.07 19.80 -14.66
N ARG B 188 11.76 20.32 -13.64
CA ARG B 188 12.40 19.57 -12.57
C ARG B 188 12.02 20.10 -11.19
N ILE B 189 10.84 20.71 -11.09
CA ILE B 189 10.55 21.39 -9.83
C ILE B 189 9.74 20.42 -8.97
N ILE B 190 10.47 19.59 -8.22
CA ILE B 190 9.89 18.44 -7.55
C ILE B 190 10.23 18.51 -6.08
N MET B 191 9.25 18.18 -5.28
CA MET B 191 9.54 17.90 -3.90
C MET B 191 9.11 16.44 -3.66
N CYS B 192 10.03 15.63 -3.11
CA CYS B 192 9.87 14.19 -2.87
C CYS B 192 9.88 13.87 -1.37
N ALA B 193 8.84 13.20 -0.87
CA ALA B 193 8.83 12.73 0.51
C ALA B 193 9.14 11.24 0.59
N TRP B 194 9.14 10.56 -0.54
CA TRP B 194 9.45 9.14 -0.53
C TRP B 194 10.96 8.96 -0.48
N ASN B 195 11.49 8.72 0.72
CA ASN B 195 12.89 8.41 0.94
C ASN B 195 13.04 6.97 1.43
N PRO B 196 13.32 5.98 0.54
CA PRO B 196 13.51 4.59 0.94
C PRO B 196 14.45 4.37 2.10
N ARG B 197 15.46 5.25 2.24
CA ARG B 197 16.37 5.11 3.36
C ARG B 197 15.61 5.32 4.66
N ASP B 198 14.65 6.26 4.66
CA ASP B 198 14.01 6.67 5.88
C ASP B 198 12.78 5.84 6.22
N LEU B 199 12.20 5.13 5.25
CA LEU B 199 10.90 4.52 5.49
C LEU B 199 10.94 3.69 6.77
N PRO B 200 11.94 2.81 7.02
CA PRO B 200 11.89 1.93 8.19
C PRO B 200 11.77 2.69 9.50
N LEU B 201 12.13 4.00 9.52
CA LEU B 201 12.12 4.82 10.73
C LEU B 201 10.87 5.69 10.85
N MET B 202 10.01 5.74 9.84
CA MET B 202 8.84 6.59 9.92
C MET B 202 7.70 5.89 10.65
N ALA B 203 6.91 6.69 11.37
CA ALA B 203 5.68 6.15 11.92
C ALA B 203 4.85 5.50 10.81
N LEU B 204 4.62 6.23 9.69
CA LEU B 204 3.89 5.74 8.52
C LEU B 204 4.67 6.06 7.25
N PRO B 205 4.68 5.19 6.21
CA PRO B 205 5.25 5.59 4.92
C PRO B 205 4.36 6.68 4.29
N PRO B 206 4.94 7.68 3.57
CA PRO B 206 4.13 8.77 3.03
C PRO B 206 3.12 8.30 1.97
N CYS B 207 1.88 8.80 2.04
CA CYS B 207 0.96 8.63 0.95
C CYS B 207 1.25 9.60 -0.19
N HIS B 208 1.64 10.84 0.10
CA HIS B 208 2.07 11.71 -0.99
C HIS B 208 3.57 11.60 -1.19
N ALA B 209 3.94 10.83 -2.22
CA ALA B 209 5.29 10.42 -2.47
C ALA B 209 6.05 11.55 -3.16
N LEU B 210 5.36 12.34 -4.02
CA LEU B 210 6.00 13.47 -4.69
C LEU B 210 5.01 14.45 -5.28
N CYS B 211 5.44 15.70 -5.47
CA CYS B 211 4.61 16.64 -6.19
C CYS B 211 5.49 17.41 -7.17
N GLN B 212 4.93 17.85 -8.29
CA GLN B 212 5.70 18.63 -9.23
C GLN B 212 4.99 19.96 -9.46
N PHE B 213 5.79 21.05 -9.58
CA PHE B 213 5.25 22.35 -9.92
C PHE B 213 5.58 22.71 -11.37
N TYR B 214 4.75 23.56 -11.94
CA TYR B 214 4.81 23.97 -13.33
C TYR B 214 4.30 25.41 -13.44
N VAL B 215 4.97 26.19 -14.31
CA VAL B 215 4.60 27.58 -14.50
C VAL B 215 4.40 27.83 -16.00
N VAL B 216 3.26 28.36 -16.37
CA VAL B 216 3.21 28.97 -17.69
C VAL B 216 2.23 30.15 -17.61
N ASN B 217 2.47 31.20 -18.42
CA ASN B 217 1.64 32.39 -18.43
C ASN B 217 1.31 32.84 -17.03
N SER B 218 2.32 33.03 -16.18
CA SER B 218 2.17 33.59 -14.85
C SER B 218 1.26 32.77 -13.95
N GLU B 219 1.01 31.49 -14.31
CA GLU B 219 0.15 30.60 -13.54
C GLU B 219 0.97 29.40 -13.07
N LEU B 220 0.90 29.13 -11.75
CA LEU B 220 1.51 28.03 -11.04
C LEU B 220 0.50 26.89 -10.86
N SER B 221 0.85 25.72 -11.41
CA SER B 221 0.08 24.47 -11.28
C SER B 221 0.89 23.50 -10.41
N CYS B 222 0.20 22.52 -9.81
CA CYS B 222 0.95 21.52 -9.08
C CYS B 222 0.31 20.12 -9.29
N GLN B 223 1.13 19.10 -9.55
CA GLN B 223 0.61 17.75 -9.65
C GLN B 223 1.13 17.01 -8.42
N LEU B 224 0.24 16.37 -7.67
CA LEU B 224 0.58 15.41 -6.61
C LEU B 224 0.51 13.96 -7.11
N TYR B 225 1.51 13.15 -6.77
CA TYR B 225 1.40 11.72 -6.95
C TYR B 225 1.13 11.10 -5.58
N GLN B 226 -0.11 10.63 -5.37
CA GLN B 226 -0.53 10.10 -4.10
C GLN B 226 -0.60 8.58 -4.32
N ARG B 227 0.20 7.82 -3.60
CA ARG B 227 0.33 6.40 -3.94
C ARG B 227 -0.91 5.60 -3.52
N SER B 228 -1.69 6.20 -2.60
CA SER B 228 -2.74 5.46 -1.90
C SER B 228 -3.76 6.48 -1.38
N GLY B 229 -5.00 6.30 -1.84
CA GLY B 229 -6.06 7.26 -1.52
C GLY B 229 -7.27 6.53 -0.93
N ASP B 230 -7.47 6.68 0.39
CA ASP B 230 -8.79 6.44 0.98
C ASP B 230 -9.74 7.54 0.52
N MET B 231 -10.63 7.19 -0.42
CA MET B 231 -11.35 8.16 -1.21
C MET B 231 -12.33 8.93 -0.33
N GLY B 232 -12.87 8.23 0.69
CA GLY B 232 -13.87 8.79 1.60
C GLY B 232 -13.26 9.75 2.61
N LEU B 233 -12.26 9.26 3.35
CA LEU B 233 -11.80 9.99 4.53
C LEU B 233 -10.64 10.95 4.17
N GLY B 234 -9.77 10.48 3.29
CA GLY B 234 -8.45 11.04 3.13
C GLY B 234 -8.40 12.02 1.97
N VAL B 235 -8.89 11.62 0.79
CA VAL B 235 -8.69 12.38 -0.43
C VAL B 235 -9.20 13.84 -0.37
N PRO B 236 -10.41 14.15 0.14
CA PRO B 236 -10.88 15.56 0.08
C PRO B 236 -9.94 16.46 0.89
N PHE B 237 -9.38 15.87 1.95
CA PHE B 237 -8.37 16.50 2.79
C PHE B 237 -7.08 16.73 1.98
N ASN B 238 -6.59 15.64 1.36
CA ASN B 238 -5.37 15.73 0.59
C ASN B 238 -5.52 16.86 -0.45
N ILE B 239 -6.70 16.94 -1.09
CA ILE B 239 -6.90 17.86 -2.21
C ILE B 239 -6.75 19.30 -1.69
N ALA B 240 -7.35 19.56 -0.53
CA ALA B 240 -7.39 20.89 0.07
C ALA B 240 -5.96 21.27 0.44
N SER B 241 -5.25 20.26 0.92
CA SER B 241 -3.89 20.39 1.39
C SER B 241 -2.95 20.90 0.26
N TYR B 242 -2.98 20.22 -0.89
CA TYR B 242 -2.06 20.61 -1.96
C TYR B 242 -2.57 21.83 -2.69
N ALA B 243 -3.90 22.00 -2.82
CA ALA B 243 -4.44 23.26 -3.33
C ALA B 243 -3.92 24.40 -2.46
N LEU B 244 -3.93 24.21 -1.12
CA LEU B 244 -3.49 25.27 -0.22
C LEU B 244 -2.01 25.58 -0.45
N LEU B 245 -1.20 24.49 -0.49
CA LEU B 245 0.22 24.69 -0.71
C LEU B 245 0.46 25.51 -1.99
N THR B 246 -0.27 25.20 -3.06
CA THR B 246 0.01 25.92 -4.30
C THR B 246 -0.30 27.40 -4.07
N TYR B 247 -1.33 27.65 -3.28
CA TYR B 247 -1.78 29.01 -3.08
C TYR B 247 -0.69 29.78 -2.34
N MET B 248 -0.10 29.10 -1.35
CA MET B 248 1.01 29.67 -0.61
C MET B 248 2.18 30.01 -1.53
N ILE B 249 2.60 29.03 -2.34
CA ILE B 249 3.76 29.27 -3.16
C ILE B 249 3.49 30.34 -4.21
N ALA B 250 2.30 30.30 -4.81
CA ALA B 250 1.92 31.30 -5.81
C ALA B 250 2.08 32.69 -5.18
N HIS B 251 1.62 32.82 -3.94
CA HIS B 251 1.65 34.08 -3.22
C HIS B 251 3.08 34.62 -3.16
N ILE B 252 4.00 33.78 -2.66
CA ILE B 252 5.35 34.24 -2.39
C ILE B 252 6.13 34.42 -3.68
N THR B 253 5.58 33.96 -4.82
CA THR B 253 6.32 34.08 -6.08
C THR B 253 5.62 35.03 -7.04
N GLY B 254 4.51 35.66 -6.66
CA GLY B 254 3.83 36.59 -7.55
C GLY B 254 3.09 35.95 -8.72
N LEU B 255 2.62 34.69 -8.56
CA LEU B 255 1.97 33.99 -9.66
C LEU B 255 0.48 33.85 -9.34
N LYS B 256 -0.37 33.66 -10.35
CA LYS B 256 -1.73 33.24 -10.09
C LYS B 256 -1.76 31.71 -9.85
N PRO B 257 -2.59 31.22 -8.94
CA PRO B 257 -2.82 29.77 -8.86
C PRO B 257 -3.38 29.28 -10.20
N GLY B 258 -2.81 28.18 -10.73
CA GLY B 258 -3.24 27.57 -11.99
C GLY B 258 -4.13 26.33 -11.75
N ASP B 259 -3.56 25.10 -11.85
CA ASP B 259 -4.37 23.89 -11.73
C ASP B 259 -3.79 23.01 -10.65
N PHE B 260 -4.66 22.35 -9.86
CA PHE B 260 -4.05 21.26 -9.12
C PHE B 260 -4.46 19.92 -9.75
N ILE B 261 -3.46 19.09 -10.13
CA ILE B 261 -3.66 17.76 -10.70
C ILE B 261 -3.40 16.69 -9.64
N HIS B 262 -4.45 15.94 -9.33
CA HIS B 262 -4.29 14.92 -8.33
C HIS B 262 -4.13 13.60 -9.07
N THR B 263 -2.93 13.01 -9.03
CA THR B 263 -2.76 11.64 -9.54
C THR B 263 -2.76 10.60 -8.41
N LEU B 264 -3.45 9.46 -8.63
CA LEU B 264 -3.57 8.42 -7.63
C LEU B 264 -3.01 7.08 -8.12
N GLY B 265 -2.34 6.34 -7.20
CA GLY B 265 -2.01 4.94 -7.44
C GLY B 265 -3.24 4.10 -7.08
N ASP B 266 -3.26 3.62 -5.84
CA ASP B 266 -4.33 2.72 -5.36
C ASP B 266 -5.45 3.59 -4.81
N ALA B 267 -6.47 3.83 -5.63
CA ALA B 267 -7.60 4.70 -5.30
C ALA B 267 -8.70 3.76 -4.75
N HIS B 268 -9.03 3.89 -3.46
CA HIS B 268 -9.88 2.84 -2.88
C HIS B 268 -10.97 3.44 -1.99
N ILE B 269 -12.11 2.77 -2.02
CA ILE B 269 -13.19 3.01 -1.08
C ILE B 269 -13.22 1.84 -0.10
N TYR B 270 -13.08 2.15 1.21
CA TYR B 270 -13.34 1.16 2.27
C TYR B 270 -14.81 0.70 2.23
N LEU B 271 -15.04 -0.60 2.42
CA LEU B 271 -16.41 -1.11 2.31
C LEU B 271 -17.36 -0.42 3.31
N ASN B 272 -16.87 -0.07 4.50
CA ASN B 272 -17.75 0.61 5.45
C ASN B 272 -17.85 2.11 5.14
N HIS B 273 -17.30 2.57 4.00
CA HIS B 273 -17.63 3.92 3.55
C HIS B 273 -18.65 3.90 2.41
N ILE B 274 -18.99 2.71 1.90
CA ILE B 274 -19.81 2.72 0.70
C ILE B 274 -21.12 3.46 0.97
N GLU B 275 -21.79 3.11 2.07
CA GLU B 275 -23.09 3.69 2.33
C GLU B 275 -22.93 5.19 2.53
N PRO B 276 -22.11 5.69 3.49
CA PRO B 276 -21.89 7.14 3.64
C PRO B 276 -21.63 7.86 2.31
N LEU B 277 -20.98 7.17 1.38
CA LEU B 277 -20.58 7.84 0.15
C LEU B 277 -21.80 7.99 -0.77
N LYS B 278 -22.74 7.05 -0.68
CA LYS B 278 -23.93 7.11 -1.52
C LYS B 278 -24.85 8.24 -1.01
N ILE B 279 -24.73 8.54 0.27
CA ILE B 279 -25.39 9.69 0.86
C ILE B 279 -24.73 10.93 0.26
N GLN B 280 -23.41 10.89 0.13
CA GLN B 280 -22.70 12.06 -0.31
C GLN B 280 -23.04 12.33 -1.78
N LEU B 281 -23.24 11.23 -2.55
CA LEU B 281 -23.41 11.36 -3.98
C LEU B 281 -24.79 11.93 -4.31
N GLN B 282 -25.72 11.81 -3.34
CA GLN B 282 -27.01 12.45 -3.44
C GLN B 282 -26.84 13.97 -3.53
N ARG B 283 -25.89 14.53 -2.77
CA ARG B 283 -25.81 15.96 -2.55
C ARG B 283 -25.23 16.69 -3.75
N GLU B 284 -25.65 17.93 -3.93
CA GLU B 284 -25.26 18.59 -5.16
C GLU B 284 -24.32 19.73 -4.79
N PRO B 285 -23.14 19.80 -5.43
CA PRO B 285 -22.06 20.68 -4.97
C PRO B 285 -22.55 22.13 -5.00
N ARG B 286 -22.15 22.87 -3.95
CA ARG B 286 -22.41 24.32 -3.80
C ARG B 286 -21.09 24.99 -4.21
N PRO B 287 -21.12 26.14 -4.91
CA PRO B 287 -19.89 26.77 -5.40
C PRO B 287 -18.76 26.69 -4.38
N PHE B 288 -17.57 26.28 -4.83
CA PHE B 288 -16.38 26.24 -4.01
C PHE B 288 -16.18 27.60 -3.38
N PRO B 289 -15.60 27.68 -2.16
CA PRO B 289 -15.39 28.98 -1.52
C PRO B 289 -14.20 29.62 -2.24
N LYS B 290 -13.65 30.65 -1.62
CA LYS B 290 -12.47 31.31 -2.13
C LYS B 290 -11.43 31.33 -1.01
N LEU B 291 -10.16 31.37 -1.36
CA LEU B 291 -9.18 31.57 -0.30
C LEU B 291 -8.70 33.01 -0.39
N ARG B 292 -8.91 33.83 0.63
CA ARG B 292 -8.17 35.10 0.65
C ARG B 292 -6.94 34.94 1.57
N ILE B 293 -5.77 35.39 1.09
CA ILE B 293 -4.58 35.56 1.93
C ILE B 293 -4.52 37.06 2.29
N LEU B 294 -4.34 37.34 3.58
CA LEU B 294 -4.83 38.58 4.15
C LEU B 294 -3.73 39.63 4.13
N ARG B 295 -2.47 39.18 3.98
CA ARG B 295 -1.32 40.07 3.97
C ARG B 295 -0.27 39.57 2.97
N LYS B 296 0.55 40.51 2.49
CA LYS B 296 1.78 40.21 1.77
C LYS B 296 2.73 39.46 2.71
N VAL B 297 3.16 38.27 2.26
CA VAL B 297 4.12 37.45 2.98
C VAL B 297 5.16 37.06 1.94
N GLU B 298 6.46 37.04 2.30
CA GLU B 298 7.46 36.79 1.27
C GLU B 298 8.30 35.54 1.56
N LYS B 299 8.30 35.04 2.79
CA LYS B 299 8.95 33.79 3.09
C LYS B 299 7.86 32.81 3.53
N ILE B 300 7.97 31.56 3.07
CA ILE B 300 6.92 30.56 3.27
C ILE B 300 6.77 30.20 4.75
N ASP B 301 7.89 30.31 5.49
CA ASP B 301 7.98 30.13 6.93
C ASP B 301 7.18 31.19 7.69
N ASP B 302 6.89 32.33 7.05
CA ASP B 302 6.30 33.48 7.73
C ASP B 302 4.78 33.36 7.81
N PHE B 303 4.21 32.41 7.06
CA PHE B 303 2.77 32.27 7.05
C PHE B 303 2.31 31.78 8.41
N LYS B 304 1.18 32.33 8.87
CA LYS B 304 0.50 31.93 10.09
C LYS B 304 -0.95 31.61 9.72
N ALA B 305 -1.64 30.82 10.54
CA ALA B 305 -3.03 30.46 10.29
C ALA B 305 -3.92 31.70 10.11
N GLU B 306 -3.74 32.74 10.95
CA GLU B 306 -4.53 33.98 10.89
C GLU B 306 -4.37 34.70 9.53
N ASP B 307 -3.39 34.27 8.72
CA ASP B 307 -3.14 34.92 7.45
C ASP B 307 -4.20 34.53 6.41
N PHE B 308 -5.01 33.50 6.72
CA PHE B 308 -5.90 32.92 5.72
C PHE B 308 -7.37 33.01 6.15
N GLN B 309 -8.21 33.41 5.19
CA GLN B 309 -9.67 33.36 5.37
C GLN B 309 -10.28 32.57 4.23
N ILE B 310 -11.06 31.54 4.59
CA ILE B 310 -11.88 30.86 3.60
C ILE B 310 -13.19 31.63 3.49
N GLU B 311 -13.55 32.09 2.30
CA GLU B 311 -14.76 32.91 2.28
C GLU B 311 -15.85 32.24 1.44
N GLY B 312 -17.07 32.23 1.96
CA GLY B 312 -18.23 31.62 1.32
C GLY B 312 -18.19 30.10 1.19
N TYR B 313 -17.69 29.36 2.20
CA TYR B 313 -17.76 27.91 2.23
C TYR B 313 -19.12 27.49 2.79
N ASN B 314 -19.89 26.73 1.99
CA ASN B 314 -21.24 26.34 2.36
C ASN B 314 -21.40 24.81 2.26
N PRO B 315 -20.67 24.01 3.07
CA PRO B 315 -20.66 22.55 2.85
C PRO B 315 -22.01 22.03 3.35
N HIS B 316 -22.48 20.91 2.77
CA HIS B 316 -23.51 20.14 3.48
C HIS B 316 -22.88 19.63 4.78
N PRO B 317 -23.63 19.02 5.72
CA PRO B 317 -23.04 18.56 6.99
C PRO B 317 -21.83 17.62 6.90
N THR B 318 -20.99 17.62 7.96
CA THR B 318 -20.00 16.54 8.06
C THR B 318 -20.71 15.19 7.97
N ILE B 319 -20.08 14.24 7.26
CA ILE B 319 -20.50 12.83 7.28
C ILE B 319 -19.42 12.02 8.00
N LYS B 320 -19.79 11.37 9.10
CA LYS B 320 -18.84 10.55 9.83
C LYS B 320 -18.46 9.37 8.93
N MET B 321 -17.17 9.05 8.90
CA MET B 321 -16.62 7.92 8.16
C MET B 321 -15.49 7.38 9.01
N GLU B 322 -15.67 6.13 9.51
CA GLU B 322 -14.82 5.54 10.53
C GLU B 322 -13.46 5.24 9.92
N MET B 323 -12.41 5.56 10.69
CA MET B 323 -11.02 5.30 10.35
C MET B 323 -10.82 3.78 10.28
N ALA B 324 -10.06 3.33 9.28
CA ALA B 324 -9.95 1.90 9.05
C ALA B 324 -9.04 1.26 10.13
N PRO C 38 16.35 -19.44 26.88
CA PRO C 38 15.08 -20.17 26.65
C PRO C 38 14.52 -19.91 25.24
N PRO C 39 14.29 -20.97 24.41
CA PRO C 39 13.97 -20.79 22.98
C PRO C 39 12.56 -20.29 22.66
N HIS C 40 12.48 -19.10 22.03
CA HIS C 40 11.27 -18.39 21.63
C HIS C 40 10.19 -19.37 21.20
N GLY C 41 9.01 -19.28 21.85
CA GLY C 41 7.88 -20.18 21.61
C GLY C 41 7.46 -20.30 20.13
N GLU C 42 7.82 -19.29 19.31
CA GLU C 42 7.34 -19.22 17.94
C GLU C 42 8.02 -20.32 17.13
N LEU C 43 9.24 -20.66 17.53
CA LEU C 43 9.97 -21.71 16.83
C LEU C 43 9.19 -23.03 16.92
N GLN C 44 8.20 -23.15 17.80
CA GLN C 44 7.39 -24.37 17.79
C GLN C 44 6.59 -24.46 16.50
N TYR C 45 5.95 -23.37 16.11
CA TYR C 45 5.08 -23.37 14.96
C TYR C 45 5.93 -23.53 13.70
N LEU C 46 7.00 -22.71 13.68
CA LEU C 46 7.91 -22.62 12.55
C LEU C 46 8.54 -23.99 12.37
N GLY C 47 8.78 -24.65 13.51
CA GLY C 47 9.22 -26.04 13.54
C GLY C 47 8.25 -26.98 12.85
N GLN C 48 6.94 -26.83 13.09
CA GLN C 48 5.94 -27.66 12.43
C GLN C 48 5.93 -27.41 10.92
N ILE C 49 6.00 -26.11 10.49
CA ILE C 49 6.02 -25.82 9.07
C ILE C 49 7.22 -26.49 8.42
N GLN C 50 8.40 -26.30 8.99
CA GLN C 50 9.62 -26.98 8.50
C GLN C 50 9.37 -28.48 8.39
N HIS C 51 8.75 -29.08 9.43
CA HIS C 51 8.56 -30.53 9.43
C HIS C 51 7.57 -30.95 8.33
N ILE C 52 6.51 -30.13 8.12
CA ILE C 52 5.51 -30.50 7.12
C ILE C 52 6.14 -30.35 5.73
N LEU C 53 6.94 -29.28 5.53
CA LEU C 53 7.59 -29.05 4.25
C LEU C 53 8.54 -30.23 3.98
N ARG C 54 9.25 -30.72 5.01
CA ARG C 54 10.28 -31.76 4.83
C ARG C 54 9.69 -33.18 4.75
N SCH C 55 8.57 -33.43 5.42
CA SCH C 55 8.15 -34.81 5.67
CB SCH C 55 8.44 -35.19 7.11
SG SCH C 55 10.20 -35.41 7.42
SD SCH C 55 10.51 -37.39 6.97
CE SCH C 55 9.17 -38.33 7.76
C SCH C 55 6.68 -35.02 5.35
O SCH C 55 6.21 -36.14 5.39
N GLY C 56 5.92 -33.94 5.07
CA GLY C 56 4.49 -34.12 4.82
C GLY C 56 4.25 -34.93 3.55
N VAL C 57 3.11 -35.62 3.43
CA VAL C 57 2.84 -36.31 2.17
C VAL C 57 1.81 -35.49 1.38
N ARG C 58 1.91 -35.55 0.04
CA ARG C 58 0.86 -35.03 -0.83
C ARG C 58 -0.48 -35.67 -0.49
N LYS C 59 -1.46 -34.83 -0.16
CA LYS C 59 -2.79 -35.35 0.11
C LYS C 59 -3.78 -34.45 -0.63
N ASP C 60 -4.73 -35.11 -1.32
CA ASP C 60 -5.84 -34.46 -1.98
C ASP C 60 -6.75 -33.87 -0.91
N ASP C 61 -7.61 -32.96 -1.34
CA ASP C 61 -8.37 -32.30 -0.32
C ASP C 61 -9.71 -31.90 -0.90
N ARG C 62 -10.69 -31.91 -0.01
CA ARG C 62 -12.04 -31.44 -0.25
C ARG C 62 -12.04 -30.23 -1.22
N THR C 63 -11.17 -29.23 -1.00
CA THR C 63 -11.28 -27.97 -1.75
C THR C 63 -10.60 -28.02 -3.12
N GLY C 64 -10.09 -29.18 -3.57
CA GLY C 64 -9.40 -29.27 -4.85
C GLY C 64 -7.94 -28.78 -4.87
N THR C 65 -7.45 -28.15 -3.81
CA THR C 65 -6.18 -27.45 -3.94
C THR C 65 -4.97 -28.35 -3.77
N GLY C 66 -5.09 -29.42 -2.95
CA GLY C 66 -3.91 -30.19 -2.58
C GLY C 66 -3.16 -29.59 -1.39
N THR C 67 -2.58 -30.49 -0.58
CA THR C 67 -1.87 -30.10 0.61
C THR C 67 -0.68 -31.04 0.76
N LEU C 68 0.27 -30.61 1.58
CA LEU C 68 1.26 -31.47 2.20
C LEU C 68 0.77 -31.65 3.63
N SER C 69 0.77 -32.91 4.12
CA SER C 69 -0.07 -33.30 5.25
C SER C 69 0.70 -34.19 6.22
N VAL C 70 0.56 -33.92 7.52
CA VAL C 70 1.01 -34.84 8.57
C VAL C 70 -0.16 -34.95 9.52
N PHE C 71 -0.33 -36.15 10.09
CA PHE C 71 -1.40 -36.38 11.03
C PHE C 71 -0.80 -36.60 12.41
N GLY C 72 -1.22 -35.77 13.38
CA GLY C 72 -0.74 -35.89 14.75
C GLY C 72 0.49 -35.02 14.98
N MET C 73 0.21 -33.81 15.44
CA MET C 73 1.27 -32.94 15.93
C MET C 73 0.80 -32.32 17.26
N GLN C 74 1.80 -31.91 18.04
CA GLN C 74 1.56 -31.26 19.31
C GLN C 74 2.58 -30.12 19.44
N ALA C 75 2.12 -28.95 19.90
CA ALA C 75 3.02 -27.84 20.18
C ALA C 75 2.70 -27.34 21.58
N ARG C 76 3.71 -26.84 22.32
CA ARG C 76 3.51 -26.26 23.64
C ARG C 76 3.87 -24.76 23.63
N TYR C 77 2.95 -23.88 24.06
CA TYR C 77 3.20 -22.43 24.13
C TYR C 77 3.02 -21.91 25.55
N SER C 78 4.11 -21.45 26.17
CA SER C 78 4.02 -20.75 27.44
C SER C 78 3.13 -19.52 27.32
N LEU C 79 2.39 -19.26 28.40
CA LEU C 79 1.56 -18.06 28.49
C LEU C 79 2.08 -17.16 29.62
N ARG C 80 3.25 -17.56 30.20
CA ARG C 80 3.86 -16.93 31.36
C ARG C 80 4.54 -15.63 30.93
N ASP C 81 3.81 -14.53 31.11
CA ASP C 81 4.26 -13.18 30.84
C ASP C 81 4.41 -12.89 29.36
N GLU C 82 4.06 -13.85 28.50
CA GLU C 82 4.08 -13.62 27.07
C GLU C 82 2.70 -13.99 26.49
N PHE C 83 2.37 -13.39 25.35
CA PHE C 83 1.22 -13.80 24.54
C PHE C 83 1.67 -14.34 23.17
N PRO C 84 1.31 -15.60 22.81
CA PRO C 84 1.82 -16.22 21.58
C PRO C 84 1.08 -15.79 20.30
N LEU C 85 1.09 -14.47 20.03
CA LEU C 85 0.67 -13.85 18.78
C LEU C 85 1.90 -13.83 17.85
N LEU C 86 1.90 -14.63 16.77
CA LEU C 86 3.06 -14.92 15.97
C LEU C 86 3.60 -13.61 15.40
N THR C 87 4.94 -13.49 15.29
CA THR C 87 5.54 -12.21 14.98
C THR C 87 6.14 -12.21 13.58
N THR C 88 6.36 -13.44 13.07
CA THR C 88 6.96 -13.64 11.75
C THR C 88 5.99 -13.29 10.63
N LYS C 89 4.72 -12.99 10.95
CA LYS C 89 3.85 -12.21 10.04
C LYS C 89 2.76 -11.48 10.85
N ARG C 90 2.14 -10.43 10.27
CA ARG C 90 1.03 -9.81 10.97
C ARG C 90 -0.10 -10.81 11.03
N VAL C 91 -0.68 -10.99 12.24
CA VAL C 91 -1.82 -11.89 12.47
C VAL C 91 -3.00 -10.99 12.81
N PHE C 92 -4.20 -11.34 12.33
CA PHE C 92 -5.43 -10.59 12.49
C PHE C 92 -5.99 -10.69 13.92
N TRP C 93 -5.39 -9.92 14.84
CA TRP C 93 -5.80 -9.87 16.24
C TRP C 93 -7.27 -9.45 16.42
N LYS C 94 -7.71 -8.36 15.77
CA LYS C 94 -9.08 -7.90 16.00
C LYS C 94 -10.09 -9.01 15.73
N GLY C 95 -9.81 -9.84 14.72
CA GLY C 95 -10.65 -10.95 14.37
C GLY C 95 -10.66 -12.04 15.45
N VAL C 96 -9.47 -12.31 16.02
CA VAL C 96 -9.37 -13.29 17.10
C VAL C 96 -10.24 -12.82 18.28
N LEU C 97 -10.00 -11.58 18.77
CA LEU C 97 -10.71 -10.99 19.91
C LEU C 97 -12.24 -11.05 19.71
N GLU C 98 -12.75 -10.31 18.68
CA GLU C 98 -14.16 -10.25 18.33
C GLU C 98 -14.77 -11.65 18.22
N GLU C 99 -14.16 -12.56 17.43
CA GLU C 99 -14.78 -13.85 17.21
C GLU C 99 -14.98 -14.58 18.55
N LEU C 100 -13.98 -14.52 19.41
CA LEU C 100 -14.10 -15.18 20.71
C LEU C 100 -15.22 -14.57 21.56
N LEU C 101 -15.35 -13.21 21.59
CA LEU C 101 -16.39 -12.58 22.37
C LEU C 101 -17.75 -13.07 21.87
N TRP C 102 -17.85 -13.17 20.55
CA TRP C 102 -19.02 -13.66 19.83
C TRP C 102 -19.28 -15.16 20.14
N PHE C 103 -18.26 -16.02 20.17
CA PHE C 103 -18.53 -17.38 20.70
C PHE C 103 -19.11 -17.37 22.11
N ILE C 104 -18.56 -16.50 22.99
CA ILE C 104 -18.83 -16.49 24.43
C ILE C 104 -20.30 -16.13 24.67
N LYS C 105 -20.77 -15.08 23.96
CA LYS C 105 -22.16 -14.65 23.94
C LYS C 105 -23.09 -15.81 23.58
N GLY C 106 -22.57 -16.83 22.90
CA GLY C 106 -23.42 -17.89 22.37
C GLY C 106 -24.13 -17.55 21.06
N SER C 107 -23.63 -16.55 20.31
CA SER C 107 -24.21 -16.17 19.03
C SER C 107 -23.99 -17.20 17.93
N THR C 108 -25.03 -17.42 17.12
CA THR C 108 -24.94 -18.26 15.91
C THR C 108 -25.41 -17.43 14.73
N ASN C 109 -25.26 -16.11 14.86
CA ASN C 109 -25.72 -15.18 13.84
C ASN C 109 -24.50 -14.48 13.26
N ALA C 110 -24.10 -14.88 12.04
CA ALA C 110 -22.98 -14.23 11.38
C ALA C 110 -23.13 -12.71 11.43
N LYS C 111 -24.35 -12.21 11.40
CA LYS C 111 -24.51 -10.74 11.25
C LYS C 111 -23.97 -10.03 12.49
N GLU C 112 -24.02 -10.73 13.63
CA GLU C 112 -23.62 -10.14 14.90
C GLU C 112 -22.09 -10.07 15.01
N LEU C 113 -21.40 -10.87 14.22
CA LEU C 113 -19.96 -10.67 14.19
C LEU C 113 -19.56 -9.64 13.12
N SER C 114 -20.23 -9.65 11.96
CA SER C 114 -19.90 -8.71 10.89
C SER C 114 -20.06 -7.26 11.39
N SER C 115 -21.07 -7.06 12.25
CA SER C 115 -21.41 -5.75 12.78
C SER C 115 -20.18 -5.17 13.50
N LYS C 116 -19.26 -6.06 13.93
CA LYS C 116 -18.07 -5.63 14.65
C LYS C 116 -16.86 -5.47 13.70
N GLY C 117 -17.08 -5.49 12.38
CA GLY C 117 -15.95 -5.30 11.48
C GLY C 117 -15.23 -6.61 11.09
N VAL C 118 -15.80 -7.80 11.40
CA VAL C 118 -15.05 -9.06 11.26
C VAL C 118 -15.86 -9.97 10.35
N LYS C 119 -15.33 -10.29 9.16
CA LYS C 119 -16.21 -10.85 8.14
C LYS C 119 -16.07 -12.37 8.01
N ILE C 120 -15.33 -13.01 8.93
CA ILE C 120 -14.81 -14.35 8.78
C ILE C 120 -15.93 -15.38 8.54
N TRP C 121 -17.08 -15.16 9.16
CA TRP C 121 -18.21 -16.08 9.07
C TRP C 121 -19.27 -15.67 8.04
N ASP C 122 -19.09 -14.57 7.28
CA ASP C 122 -20.19 -14.01 6.50
C ASP C 122 -20.63 -14.86 5.31
N ALA C 123 -19.68 -15.30 4.49
CA ALA C 123 -19.92 -16.27 3.41
C ALA C 123 -20.82 -17.44 3.83
N ASN C 124 -20.70 -17.96 5.05
CA ASN C 124 -21.44 -19.16 5.39
C ASN C 124 -22.84 -18.84 5.89
N GLY C 125 -23.12 -17.56 6.16
CA GLY C 125 -24.47 -17.19 6.56
C GLY C 125 -25.30 -16.64 5.40
N SER C 126 -24.68 -16.50 4.22
CA SER C 126 -25.31 -15.87 3.07
C SER C 126 -26.47 -16.70 2.54
N ARG C 127 -27.44 -15.98 1.98
CA ARG C 127 -28.70 -16.51 1.47
C ARG C 127 -28.43 -17.58 0.41
N ASP C 128 -27.49 -17.30 -0.50
CA ASP C 128 -27.23 -18.22 -1.60
C ASP C 128 -26.59 -19.51 -1.06
N PHE C 129 -25.81 -19.36 0.03
CA PHE C 129 -25.06 -20.47 0.60
C PHE C 129 -26.01 -21.41 1.37
N LEU C 130 -26.85 -20.81 2.22
CA LEU C 130 -27.86 -21.53 2.97
C LEU C 130 -28.77 -22.26 2.00
N ASP C 131 -29.15 -21.57 0.91
CA ASP C 131 -30.06 -22.17 -0.05
C ASP C 131 -29.45 -23.43 -0.64
N SER C 132 -28.14 -23.37 -0.93
CA SER C 132 -27.47 -24.38 -1.72
C SER C 132 -27.10 -25.60 -0.88
N LEU C 133 -27.14 -25.44 0.46
CA LEU C 133 -27.06 -26.53 1.44
C LEU C 133 -28.47 -27.06 1.64
N GLY C 134 -29.46 -26.30 1.14
CA GLY C 134 -30.85 -26.67 1.29
C GLY C 134 -31.44 -26.16 2.59
N PHE C 135 -31.01 -24.98 3.03
CA PHE C 135 -31.65 -24.40 4.21
C PHE C 135 -32.52 -23.24 3.78
N SER C 136 -33.49 -23.54 2.90
CA SER C 136 -34.32 -22.55 2.23
C SER C 136 -35.00 -21.61 3.24
N THR C 137 -35.37 -22.20 4.40
CA THR C 137 -36.19 -21.61 5.45
C THR C 137 -35.36 -20.75 6.42
N ARG C 138 -34.03 -20.84 6.38
CA ARG C 138 -33.19 -20.12 7.33
C ARG C 138 -33.00 -18.66 6.92
N GLU C 139 -32.92 -17.78 7.94
CA GLU C 139 -32.65 -16.37 7.76
C GLU C 139 -31.17 -16.13 7.49
N GLU C 140 -30.87 -15.17 6.61
CA GLU C 140 -29.50 -14.79 6.35
C GLU C 140 -28.74 -14.50 7.67
N GLY C 141 -27.48 -14.93 7.74
CA GLY C 141 -26.74 -14.91 9.00
C GLY C 141 -26.76 -16.23 9.81
N ASP C 142 -27.88 -16.96 9.83
CA ASP C 142 -28.06 -18.12 10.71
C ASP C 142 -27.05 -19.23 10.35
N LEU C 143 -25.99 -19.38 11.15
CA LEU C 143 -24.98 -20.43 10.93
C LEU C 143 -25.45 -21.80 11.41
N GLY C 144 -26.59 -21.88 12.10
CA GLY C 144 -26.92 -23.18 12.71
C GLY C 144 -26.22 -23.32 14.07
N PRO C 145 -26.26 -24.51 14.68
CA PRO C 145 -25.60 -24.77 15.97
C PRO C 145 -24.08 -24.84 15.98
N VAL C 146 -23.42 -23.73 15.55
CA VAL C 146 -21.97 -23.60 15.56
C VAL C 146 -21.50 -23.24 16.99
N TYR C 147 -20.25 -22.78 17.16
CA TYR C 147 -19.51 -22.83 18.41
C TYR C 147 -20.25 -22.26 19.63
N GLY C 148 -20.77 -21.03 19.45
CA GLY C 148 -21.47 -20.35 20.51
C GLY C 148 -22.55 -21.25 21.13
N PHE C 149 -23.35 -21.86 20.29
CA PHE C 149 -24.42 -22.70 20.82
C PHE C 149 -23.86 -23.95 21.49
N GLN C 150 -22.76 -24.51 20.96
CA GLN C 150 -22.31 -25.76 21.57
C GLN C 150 -21.67 -25.41 22.91
N TRP C 151 -21.13 -24.18 23.01
CA TRP C 151 -20.40 -23.76 24.19
C TRP C 151 -21.33 -23.47 25.37
N ARG C 152 -22.36 -22.66 25.12
CA ARG C 152 -23.34 -22.33 26.12
C ARG C 152 -24.48 -23.35 26.25
N HIS C 153 -24.81 -24.20 25.23
CA HIS C 153 -26.08 -24.91 25.24
C HIS C 153 -25.96 -26.34 24.69
N PHE C 154 -24.81 -26.98 24.90
CA PHE C 154 -24.57 -28.23 24.22
C PHE C 154 -25.78 -29.14 24.45
N GLY C 155 -26.29 -29.82 23.42
CA GLY C 155 -27.29 -30.87 23.66
C GLY C 155 -28.71 -30.34 23.46
N ALA C 156 -28.87 -29.00 23.47
CA ALA C 156 -30.15 -28.33 23.22
C ALA C 156 -30.61 -28.53 21.78
N GLU C 157 -31.92 -28.51 21.60
CA GLU C 157 -32.55 -28.57 20.28
C GLU C 157 -32.41 -27.19 19.60
N TYR C 158 -31.70 -27.15 18.48
CA TYR C 158 -31.50 -25.91 17.78
C TYR C 158 -32.74 -25.55 16.97
N ARG C 159 -33.31 -24.38 17.24
CA ARG C 159 -34.41 -23.91 16.42
C ARG C 159 -33.85 -22.90 15.43
N ASP C 160 -33.69 -21.64 15.86
CA ASP C 160 -32.97 -20.75 14.96
C ASP C 160 -32.12 -19.77 15.78
N MET C 161 -31.49 -18.84 15.05
CA MET C 161 -30.48 -17.97 15.63
C MET C 161 -31.10 -16.91 16.55
N GLU C 162 -32.44 -16.85 16.61
CA GLU C 162 -33.15 -15.84 17.37
C GLU C 162 -33.70 -16.41 18.67
N SER C 163 -33.88 -17.73 18.70
CA SER C 163 -34.53 -18.49 19.76
C SER C 163 -33.90 -18.24 21.11
N ASP C 164 -34.70 -18.41 22.17
CA ASP C 164 -34.22 -18.24 23.51
C ASP C 164 -33.75 -19.61 24.04
N TYR C 165 -32.45 -19.76 24.33
CA TYR C 165 -31.98 -21.09 24.72
C TYR C 165 -31.69 -21.18 26.21
N SER C 166 -31.95 -20.08 26.96
CA SER C 166 -31.57 -20.01 28.36
C SER C 166 -32.03 -21.28 29.08
N GLY C 167 -31.16 -21.79 29.95
CA GLY C 167 -31.46 -22.98 30.74
C GLY C 167 -31.63 -24.26 29.93
N GLN C 168 -31.38 -24.21 28.61
CA GLN C 168 -31.45 -25.42 27.80
C GLN C 168 -30.05 -25.90 27.49
N GLY C 169 -29.87 -27.23 27.45
CA GLY C 169 -28.57 -27.85 27.24
C GLY C 169 -27.55 -27.47 28.33
N VAL C 170 -26.27 -27.72 28.04
CA VAL C 170 -25.24 -27.68 29.08
C VAL C 170 -24.37 -26.45 28.82
N ASP C 171 -24.23 -25.61 29.83
CA ASP C 171 -23.36 -24.46 29.65
C ASP C 171 -21.93 -24.92 29.99
N GLN C 172 -21.31 -25.59 29.02
CA GLN C 172 -19.94 -26.02 29.10
C GLN C 172 -19.03 -24.89 29.59
N LEU C 173 -19.23 -23.66 29.07
CA LEU C 173 -18.29 -22.62 29.38
C LEU C 173 -18.36 -22.34 30.88
N GLN C 174 -19.54 -21.95 31.41
CA GLN C 174 -19.63 -21.71 32.86
C GLN C 174 -19.21 -22.93 33.70
N ARG C 175 -19.59 -24.16 33.26
CA ARG C 175 -19.29 -25.35 34.05
C ARG C 175 -17.77 -25.56 34.22
N VAL C 176 -17.03 -25.42 33.11
CA VAL C 176 -15.57 -25.47 33.12
C VAL C 176 -15.05 -24.50 34.18
N ILE C 177 -15.57 -23.26 34.17
CA ILE C 177 -15.12 -22.20 35.07
C ILE C 177 -15.43 -22.53 36.54
N ASP C 178 -16.66 -22.95 36.82
CA ASP C 178 -16.97 -23.37 38.17
C ASP C 178 -16.06 -24.54 38.61
N THR C 179 -15.67 -25.46 37.72
CA THR C 179 -14.83 -26.57 38.19
C THR C 179 -13.43 -26.08 38.50
N ILE C 180 -12.98 -25.09 37.72
CA ILE C 180 -11.64 -24.62 37.94
C ILE C 180 -11.51 -24.07 39.36
N LYS C 181 -12.54 -23.31 39.78
CA LYS C 181 -12.64 -22.65 41.08
C LYS C 181 -12.89 -23.65 42.22
N THR C 182 -13.79 -24.63 42.03
CA THR C 182 -14.14 -25.51 43.13
C THR C 182 -13.31 -26.79 43.10
N ASN C 183 -12.72 -27.17 41.96
CA ASN C 183 -12.11 -28.50 41.90
C ASN C 183 -10.89 -28.52 40.96
N PRO C 184 -9.88 -27.66 41.19
CA PRO C 184 -8.86 -27.40 40.18
C PRO C 184 -8.05 -28.64 39.78
N ASP C 185 -8.10 -29.72 40.58
CA ASP C 185 -7.35 -30.94 40.29
C ASP C 185 -8.12 -31.87 39.36
N ASP C 186 -9.39 -31.57 39.12
CA ASP C 186 -10.20 -32.31 38.17
C ASP C 186 -9.55 -32.48 36.79
N ARG C 187 -9.67 -33.73 36.31
CA ARG C 187 -9.03 -34.26 35.10
C ARG C 187 -10.09 -34.37 33.98
N ARG C 188 -11.24 -33.73 34.18
CA ARG C 188 -12.35 -33.83 33.24
C ARG C 188 -12.84 -32.42 32.90
N ILE C 189 -12.00 -31.41 33.01
CA ILE C 189 -12.47 -30.04 32.74
C ILE C 189 -12.40 -29.77 31.24
N ILE C 190 -13.46 -30.13 30.53
CA ILE C 190 -13.43 -30.28 29.09
C ILE C 190 -14.59 -29.48 28.54
N MET C 191 -14.40 -28.82 27.39
CA MET C 191 -15.46 -28.24 26.58
C MET C 191 -15.39 -28.87 25.18
N CYS C 192 -16.49 -29.48 24.71
CA CYS C 192 -16.60 -30.19 23.44
C CYS C 192 -17.53 -29.41 22.50
N ALA C 193 -17.08 -29.08 21.28
CA ALA C 193 -17.99 -28.51 20.29
C ALA C 193 -18.40 -29.58 19.27
N TRP C 194 -17.67 -30.69 19.25
CA TRP C 194 -18.01 -31.76 18.32
C TRP C 194 -19.34 -32.36 18.76
N ASN C 195 -20.38 -32.15 17.94
CA ASN C 195 -21.69 -32.64 18.30
C ASN C 195 -22.28 -33.46 17.17
N PRO C 196 -22.11 -34.81 17.20
CA PRO C 196 -22.56 -35.67 16.11
C PRO C 196 -23.98 -35.43 15.63
N ARG C 197 -24.93 -35.21 16.56
CA ARG C 197 -26.32 -34.89 16.20
C ARG C 197 -26.39 -33.59 15.40
N ASP C 198 -25.59 -32.56 15.74
CA ASP C 198 -25.79 -31.25 15.11
C ASP C 198 -25.06 -31.09 13.79
N LEU C 199 -24.09 -31.95 13.50
CA LEU C 199 -23.26 -31.70 12.34
C LEU C 199 -24.10 -31.33 11.12
N PRO C 200 -25.16 -32.07 10.74
CA PRO C 200 -25.80 -31.78 9.46
C PRO C 200 -26.52 -30.41 9.46
N LEU C 201 -26.57 -29.72 10.60
CA LEU C 201 -27.38 -28.52 10.73
C LEU C 201 -26.49 -27.29 10.61
N MET C 202 -25.17 -27.53 10.53
CA MET C 202 -24.18 -26.50 10.69
C MET C 202 -23.65 -26.12 9.32
N ALA C 203 -23.35 -24.83 9.17
CA ALA C 203 -22.62 -24.30 8.03
C ALA C 203 -21.54 -25.28 7.60
N LEU C 204 -20.62 -25.66 8.53
CA LEU C 204 -19.51 -26.59 8.35
C LEU C 204 -19.09 -27.18 9.71
N PRO C 205 -18.49 -28.39 9.75
CA PRO C 205 -18.18 -29.06 11.04
C PRO C 205 -17.04 -28.38 11.81
N PRO C 206 -17.11 -28.26 13.16
CA PRO C 206 -16.09 -27.54 13.93
C PRO C 206 -14.71 -28.12 13.75
N CYS C 207 -13.70 -27.24 13.61
CA CYS C 207 -12.29 -27.59 13.54
C CYS C 207 -11.77 -27.80 14.96
N HIS C 208 -12.27 -26.98 15.89
CA HIS C 208 -11.94 -27.06 17.31
C HIS C 208 -12.98 -27.95 17.97
N ALA C 209 -12.66 -29.24 18.03
CA ALA C 209 -13.50 -30.32 18.50
C ALA C 209 -13.57 -30.34 20.03
N LEU C 210 -12.45 -30.19 20.77
CA LEU C 210 -12.57 -30.07 22.21
C LEU C 210 -11.35 -29.34 22.77
N CYS C 211 -11.52 -28.66 23.93
CA CYS C 211 -10.37 -28.24 24.69
C CYS C 211 -10.49 -28.72 26.15
N GLN C 212 -9.34 -28.81 26.83
CA GLN C 212 -9.31 -29.38 28.17
C GLN C 212 -8.56 -28.41 29.06
N PHE C 213 -8.98 -28.24 30.32
CA PHE C 213 -8.22 -27.35 31.18
C PHE C 213 -7.55 -28.11 32.31
N TYR C 214 -6.56 -27.43 32.90
CA TYR C 214 -5.73 -28.08 33.90
C TYR C 214 -5.10 -27.02 34.76
N VAL C 215 -5.08 -27.30 36.07
CA VAL C 215 -4.53 -26.42 37.10
C VAL C 215 -3.48 -27.15 37.95
N VAL C 216 -2.32 -26.51 38.06
CA VAL C 216 -1.41 -26.94 39.09
C VAL C 216 -0.53 -25.76 39.43
N ASN C 217 -0.05 -25.74 40.68
CA ASN C 217 0.76 -24.66 41.26
C ASN C 217 0.21 -23.30 40.80
N SER C 218 -1.11 -23.13 40.83
CA SER C 218 -1.79 -21.86 40.63
C SER C 218 -1.81 -21.38 39.17
N GLU C 219 -1.48 -22.29 38.22
CA GLU C 219 -1.43 -22.03 36.79
C GLU C 219 -2.48 -22.86 36.04
N LEU C 220 -3.22 -22.13 35.20
CA LEU C 220 -4.20 -22.64 34.25
C LEU C 220 -3.57 -22.92 32.89
N SER C 221 -3.61 -24.19 32.47
CA SER C 221 -3.20 -24.60 31.14
C SER C 221 -4.45 -25.03 30.36
N CYS C 222 -4.33 -25.08 29.03
CA CYS C 222 -5.44 -25.41 28.16
C CYS C 222 -4.92 -26.23 27.00
N GLN C 223 -5.56 -27.38 26.70
CA GLN C 223 -5.18 -28.16 25.53
C GLN C 223 -6.36 -28.12 24.56
N LEU C 224 -6.08 -27.65 23.31
CA LEU C 224 -7.02 -27.66 22.20
C LEU C 224 -6.72 -28.86 21.33
N TYR C 225 -7.76 -29.66 21.03
CA TYR C 225 -7.70 -30.68 19.99
C TYR C 225 -8.30 -30.09 18.72
N GLN C 226 -7.45 -29.81 17.74
CA GLN C 226 -7.89 -29.26 16.47
C GLN C 226 -7.78 -30.37 15.43
N ARG C 227 -8.94 -30.88 14.98
CA ARG C 227 -9.00 -31.98 14.04
C ARG C 227 -8.33 -31.64 12.70
N SER C 228 -8.14 -30.34 12.36
CA SER C 228 -7.75 -30.01 11.00
C SER C 228 -7.15 -28.60 10.98
N GLY C 229 -5.93 -28.47 10.51
CA GLY C 229 -5.22 -27.23 10.73
C GLY C 229 -4.52 -26.75 9.46
N ASP C 230 -5.08 -25.71 8.84
CA ASP C 230 -4.45 -25.06 7.70
C ASP C 230 -3.28 -24.29 8.29
N MET C 231 -2.06 -24.81 8.16
CA MET C 231 -1.01 -24.23 8.98
C MET C 231 -0.67 -22.80 8.53
N GLY C 232 -0.82 -22.51 7.24
CA GLY C 232 -0.54 -21.19 6.70
C GLY C 232 -1.45 -20.14 7.31
N LEU C 233 -2.77 -20.30 7.06
CA LEU C 233 -3.74 -19.23 7.20
C LEU C 233 -4.47 -19.37 8.53
N GLY C 234 -4.78 -20.62 8.95
CA GLY C 234 -5.66 -20.87 10.09
C GLY C 234 -4.97 -20.94 11.46
N VAL C 235 -3.91 -21.79 11.57
CA VAL C 235 -3.22 -22.10 12.81
C VAL C 235 -2.70 -20.91 13.61
N PRO C 236 -2.12 -19.85 12.98
CA PRO C 236 -1.71 -18.66 13.73
C PRO C 236 -2.84 -18.00 14.50
N PHE C 237 -4.00 -18.01 13.86
CA PHE C 237 -5.15 -17.29 14.37
C PHE C 237 -5.73 -18.15 15.50
N ASN C 238 -5.71 -19.46 15.28
CA ASN C 238 -6.16 -20.46 16.24
C ASN C 238 -5.36 -20.41 17.54
N ILE C 239 -4.00 -20.38 17.43
CA ILE C 239 -3.14 -20.33 18.60
C ILE C 239 -3.57 -19.12 19.45
N ALA C 240 -3.74 -17.96 18.80
CA ALA C 240 -4.17 -16.75 19.49
C ALA C 240 -5.51 -16.95 20.20
N SER C 241 -6.49 -17.59 19.56
CA SER C 241 -7.85 -17.76 20.09
C SER C 241 -7.88 -18.47 21.45
N TYR C 242 -7.25 -19.65 21.51
CA TYR C 242 -7.27 -20.44 22.72
C TYR C 242 -6.34 -19.84 23.76
N ALA C 243 -5.18 -19.33 23.34
CA ALA C 243 -4.32 -18.62 24.29
C ALA C 243 -5.13 -17.51 24.91
N LEU C 244 -5.97 -16.84 24.09
CA LEU C 244 -6.72 -15.72 24.62
C LEU C 244 -7.79 -16.27 25.58
N LEU C 245 -8.48 -17.33 25.19
CA LEU C 245 -9.49 -17.90 26.07
C LEU C 245 -8.83 -18.33 27.38
N THR C 246 -7.63 -18.93 27.29
CA THR C 246 -6.90 -19.26 28.50
C THR C 246 -6.67 -18.05 29.40
N TYR C 247 -6.24 -16.90 28.82
CA TYR C 247 -5.95 -15.69 29.59
C TYR C 247 -7.23 -15.29 30.31
N MET C 248 -8.36 -15.34 29.60
CA MET C 248 -9.64 -14.87 30.11
C MET C 248 -10.09 -15.71 31.29
N ILE C 249 -10.08 -17.04 31.17
CA ILE C 249 -10.57 -17.85 32.26
C ILE C 249 -9.60 -17.76 33.45
N ALA C 250 -8.31 -17.73 33.18
CA ALA C 250 -7.29 -17.46 34.20
C ALA C 250 -7.68 -16.26 35.04
N HIS C 251 -8.07 -15.19 34.32
CA HIS C 251 -8.41 -13.93 34.96
C HIS C 251 -9.61 -14.12 35.88
N ILE C 252 -10.73 -14.66 35.38
CA ILE C 252 -11.91 -14.71 36.24
C ILE C 252 -11.69 -15.69 37.37
N THR C 253 -10.81 -16.69 37.20
CA THR C 253 -10.67 -17.68 38.24
C THR C 253 -9.46 -17.34 39.11
N GLY C 254 -8.81 -16.20 38.84
CA GLY C 254 -7.76 -15.73 39.73
C GLY C 254 -6.51 -16.60 39.71
N LEU C 255 -6.25 -17.23 38.56
CA LEU C 255 -5.08 -18.08 38.35
C LEU C 255 -4.12 -17.37 37.38
N LYS C 256 -2.86 -17.83 37.30
CA LYS C 256 -1.90 -17.39 36.29
C LYS C 256 -2.04 -18.29 35.07
N PRO C 257 -2.05 -17.73 33.83
CA PRO C 257 -1.89 -18.49 32.58
C PRO C 257 -0.65 -19.40 32.56
N GLY C 258 -0.84 -20.71 32.30
CA GLY C 258 0.29 -21.65 32.31
C GLY C 258 0.86 -21.86 30.90
N ASP C 259 0.46 -23.01 30.33
CA ASP C 259 0.69 -23.36 28.95
C ASP C 259 -0.62 -23.50 28.17
N PHE C 260 -0.49 -23.27 26.86
CA PHE C 260 -1.40 -23.69 25.81
C PHE C 260 -0.75 -24.82 25.01
N ILE C 261 -1.45 -25.95 24.92
CA ILE C 261 -0.98 -27.08 24.16
C ILE C 261 -1.91 -27.19 22.97
N HIS C 262 -1.31 -27.15 21.77
CA HIS C 262 -2.01 -27.19 20.49
C HIS C 262 -1.79 -28.59 19.91
N THR C 263 -2.85 -29.39 19.91
CA THR C 263 -2.75 -30.70 19.29
C THR C 263 -3.48 -30.68 17.96
N LEU C 264 -2.88 -31.14 16.93
CA LEU C 264 -3.56 -31.18 15.60
C LEU C 264 -3.64 -32.61 15.05
N GLY C 265 -4.80 -32.84 14.36
CA GLY C 265 -5.00 -34.10 13.63
C GLY C 265 -4.35 -33.99 12.26
N ASP C 266 -5.11 -33.55 11.24
CA ASP C 266 -4.51 -33.33 9.95
C ASP C 266 -3.96 -31.90 9.90
N ALA C 267 -2.63 -31.82 10.07
CA ALA C 267 -1.83 -30.63 9.97
C ALA C 267 -1.36 -30.56 8.53
N HIS C 268 -1.77 -29.50 7.86
CA HIS C 268 -1.52 -29.52 6.44
C HIS C 268 -1.13 -28.14 5.92
N ILE C 269 -0.33 -28.13 4.85
CA ILE C 269 0.01 -26.93 4.11
C ILE C 269 -0.58 -27.02 2.70
N TYR C 270 -1.52 -26.13 2.40
CA TYR C 270 -2.00 -26.01 1.03
C TYR C 270 -0.85 -25.72 0.06
N LEU C 271 -0.96 -26.31 -1.13
CA LEU C 271 0.12 -26.22 -2.10
C LEU C 271 0.43 -24.76 -2.42
N ASN C 272 -0.58 -23.89 -2.48
CA ASN C 272 -0.29 -22.51 -2.86
C ASN C 272 0.26 -21.70 -1.68
N HIS C 273 0.50 -22.36 -0.55
CA HIS C 273 0.94 -21.67 0.65
C HIS C 273 2.45 -21.92 0.82
N ILE C 274 2.99 -22.83 0.00
CA ILE C 274 4.37 -23.27 0.16
C ILE C 274 5.39 -22.13 0.03
N GLU C 275 5.37 -21.41 -1.10
CA GLU C 275 6.35 -20.36 -1.29
C GLU C 275 6.16 -19.30 -0.20
N PRO C 276 4.93 -18.80 0.06
CA PRO C 276 4.72 -17.85 1.15
C PRO C 276 5.30 -18.32 2.50
N LEU C 277 5.09 -19.60 2.87
CA LEU C 277 5.64 -20.10 4.14
C LEU C 277 7.19 -20.09 4.16
N LYS C 278 7.80 -20.37 2.99
CA LYS C 278 9.24 -20.37 2.83
C LYS C 278 9.82 -18.99 3.10
N ILE C 279 9.12 -17.92 2.66
CA ILE C 279 9.54 -16.59 3.01
C ILE C 279 9.42 -16.41 4.51
N GLN C 280 8.33 -16.97 5.08
CA GLN C 280 8.10 -16.79 6.50
C GLN C 280 9.24 -17.41 7.28
N LEU C 281 9.75 -18.53 6.75
CA LEU C 281 10.73 -19.34 7.47
C LEU C 281 12.06 -18.61 7.63
N GLN C 282 12.31 -17.56 6.83
CA GLN C 282 13.60 -16.90 6.82
C GLN C 282 13.61 -15.72 7.80
N ARG C 283 12.49 -15.47 8.49
CA ARG C 283 12.35 -14.29 9.32
C ARG C 283 12.62 -14.64 10.77
N GLU C 284 13.36 -13.78 11.45
CA GLU C 284 13.70 -14.00 12.86
C GLU C 284 12.51 -13.57 13.72
N PRO C 285 11.99 -14.46 14.60
CA PRO C 285 10.92 -14.12 15.52
C PRO C 285 11.41 -12.95 16.35
N ARG C 286 10.46 -12.05 16.68
CA ARG C 286 10.67 -11.00 17.66
C ARG C 286 10.00 -11.40 18.97
N PRO C 287 10.39 -10.79 20.12
CA PRO C 287 9.71 -11.08 21.38
C PRO C 287 8.19 -11.00 21.25
N PHE C 288 7.53 -12.06 21.71
CA PHE C 288 6.08 -12.10 21.73
C PHE C 288 5.58 -10.89 22.48
N PRO C 289 4.39 -10.34 22.14
CA PRO C 289 3.83 -9.21 22.89
C PRO C 289 3.33 -9.68 24.24
N LYS C 290 2.90 -8.73 25.06
CA LYS C 290 2.17 -9.14 26.25
C LYS C 290 0.67 -8.86 26.03
N LEU C 291 -0.19 -9.60 26.72
CA LEU C 291 -1.59 -9.26 26.72
C LEU C 291 -1.92 -8.68 28.09
N ARG C 292 -2.52 -7.47 28.14
CA ARG C 292 -2.99 -6.88 29.39
C ARG C 292 -4.52 -6.86 29.42
N ILE C 293 -5.11 -7.05 30.60
CA ILE C 293 -6.56 -6.99 30.74
C ILE C 293 -6.81 -5.83 31.67
N LEU C 294 -7.65 -4.88 31.27
CA LEU C 294 -7.53 -3.52 31.80
C LEU C 294 -8.55 -3.19 32.90
N ARG C 295 -9.17 -4.20 33.51
CA ARG C 295 -9.93 -4.06 34.74
C ARG C 295 -10.21 -5.45 35.30
N LYS C 296 -10.83 -5.49 36.48
CA LYS C 296 -11.35 -6.69 37.11
C LYS C 296 -12.61 -7.13 36.37
N VAL C 297 -12.61 -8.36 35.83
CA VAL C 297 -13.86 -8.91 35.33
C VAL C 297 -14.25 -10.12 36.18
N GLU C 298 -15.49 -10.07 36.69
CA GLU C 298 -16.05 -11.09 37.57
C GLU C 298 -16.51 -12.32 36.77
N LYS C 299 -17.26 -12.12 35.67
CA LYS C 299 -17.92 -13.22 34.97
C LYS C 299 -17.41 -13.30 33.52
N ILE C 300 -17.30 -14.53 32.96
CA ILE C 300 -16.84 -14.68 31.59
C ILE C 300 -17.64 -13.80 30.62
N ASP C 301 -18.96 -13.64 30.84
CA ASP C 301 -19.76 -12.92 29.87
C ASP C 301 -19.52 -11.42 29.93
N ASP C 302 -18.70 -10.95 30.87
CA ASP C 302 -18.64 -9.52 31.14
C ASP C 302 -17.60 -8.83 30.26
N PHE C 303 -16.63 -9.57 29.74
CA PHE C 303 -15.51 -8.97 29.05
C PHE C 303 -16.02 -8.31 27.77
N LYS C 304 -15.27 -7.31 27.33
CA LYS C 304 -15.63 -6.49 26.20
C LYS C 304 -14.31 -6.29 25.45
N ALA C 305 -14.38 -6.01 24.14
CA ALA C 305 -13.17 -5.87 23.35
C ALA C 305 -12.19 -4.86 23.97
N GLU C 306 -12.68 -3.84 24.69
CA GLU C 306 -11.66 -2.86 25.08
C GLU C 306 -11.16 -3.14 26.50
N ASP C 307 -11.52 -4.30 27.03
CA ASP C 307 -10.89 -4.76 28.25
C ASP C 307 -9.46 -5.21 27.98
N PHE C 308 -9.09 -5.35 26.69
CA PHE C 308 -7.87 -6.06 26.29
C PHE C 308 -6.92 -5.17 25.49
N GLN C 309 -5.62 -5.18 25.84
CA GLN C 309 -4.64 -4.48 25.01
C GLN C 309 -3.44 -5.39 24.82
N ILE C 310 -3.08 -5.63 23.55
CA ILE C 310 -1.88 -6.34 23.11
C ILE C 310 -0.79 -5.28 23.15
N GLU C 311 0.33 -5.61 23.79
CA GLU C 311 1.29 -4.57 24.04
C GLU C 311 2.65 -5.04 23.56
N GLY C 312 3.31 -4.19 22.76
CA GLY C 312 4.65 -4.48 22.30
C GLY C 312 4.65 -5.41 21.09
N TYR C 313 3.56 -5.37 20.32
CA TYR C 313 3.40 -6.26 19.18
C TYR C 313 4.01 -5.64 17.92
N ASN C 314 5.07 -6.30 17.47
CA ASN C 314 5.93 -5.77 16.45
C ASN C 314 6.19 -6.81 15.37
N PRO C 315 5.16 -7.21 14.60
CA PRO C 315 5.34 -8.29 13.63
C PRO C 315 6.10 -7.90 12.37
N HIS C 316 6.69 -8.91 11.72
CA HIS C 316 7.12 -8.82 10.34
C HIS C 316 5.92 -8.49 9.46
N PRO C 317 6.11 -7.77 8.33
CA PRO C 317 4.99 -7.44 7.43
C PRO C 317 4.05 -8.61 7.10
N THR C 318 2.82 -8.27 6.65
CA THR C 318 1.80 -9.22 6.22
C THR C 318 2.36 -10.11 5.13
N ILE C 319 2.09 -11.42 5.23
CA ILE C 319 2.29 -12.33 4.11
C ILE C 319 0.89 -12.72 3.66
N LYS C 320 0.58 -12.56 2.37
CA LYS C 320 -0.76 -12.87 1.90
C LYS C 320 -0.85 -14.37 1.66
N MET C 321 -1.97 -14.99 2.02
CA MET C 321 -2.13 -16.42 1.78
C MET C 321 -3.56 -16.69 1.35
N GLU C 322 -3.73 -17.17 0.12
CA GLU C 322 -5.07 -17.37 -0.41
C GLU C 322 -5.79 -18.48 0.33
N MET C 323 -7.01 -18.14 0.76
CA MET C 323 -7.91 -19.08 1.37
C MET C 323 -8.21 -20.18 0.37
N ALA C 324 -7.82 -21.42 0.69
CA ALA C 324 -8.54 -22.50 0.05
C ALA C 324 -9.99 -22.26 0.43
N VAL C 325 -10.95 -22.48 -0.49
CA VAL C 325 -12.35 -22.21 -0.16
C VAL C 325 -13.19 -23.47 -0.42
N1 UMP D . 13.01 12.90 -22.03
C2 UMP D . 12.03 11.96 -22.29
N3 UMP D . 12.29 10.69 -21.84
C4 UMP D . 13.44 10.27 -21.20
C5 UMP D . 14.43 11.29 -20.99
C6 UMP D . 14.19 12.53 -21.40
O2 UMP D . 10.96 12.21 -22.87
O4 UMP D . 13.52 9.08 -20.89
C1' UMP D . 12.85 14.29 -22.52
C2' UMP D . 11.97 15.23 -21.69
C3' UMP D . 12.61 16.58 -21.96
C4' UMP D . 14.09 16.22 -21.95
O3' UMP D . 12.26 17.09 -23.25
O4' UMP D . 14.15 14.89 -22.53
C5' UMP D . 14.76 16.25 -20.59
O5' UMP D . 15.08 17.63 -20.25
P UMP D . 14.43 18.40 -18.98
OP1 UMP D . 12.95 18.04 -18.84
OP2 UMP D . 15.27 17.98 -17.79
OP3 UMP D . 14.59 19.90 -19.29
C1 PEG E . 15.54 8.44 -24.95
O1 PEG E . 15.22 8.22 -26.32
C2 PEG E . 14.80 9.63 -24.43
O2 PEG E . 14.79 10.66 -25.41
C3 PEG E . 14.71 11.96 -24.85
C4 PEG E . 14.20 12.91 -25.90
O4 PEG E . 14.75 14.20 -25.79
CL CL F . 12.46 5.08 -30.58
N1 UMP G . -4.37 7.92 3.40
C2 UMP G . -4.90 8.94 2.62
N3 UMP G . -4.29 10.17 2.78
C4 UMP G . -3.27 10.48 3.64
C5 UMP G . -2.77 9.38 4.43
C6 UMP G . -3.34 8.17 4.29
O2 UMP G . -5.82 8.80 1.82
O4 UMP G . -2.85 11.64 3.65
C1' UMP G . -5.00 6.58 3.36
C2' UMP G . -4.68 5.71 2.16
C3' UMP G . -4.74 4.31 2.78
C4' UMP G . -4.15 4.53 4.15
O3' UMP G . -6.11 3.92 2.92
O4' UMP G . -4.54 5.86 4.51
C5' UMP G . -2.64 4.38 4.22
O5' UMP G . -2.30 2.98 4.33
P UMP G . -1.29 2.28 3.31
OP1 UMP G . -1.63 2.74 1.91
OP2 UMP G . 0.07 2.70 3.81
OP3 UMP G . -1.50 0.75 3.44
N1 UMP H . -9.31 -24.27 9.25
C2 UMP H . -8.35 -24.06 10.22
N3 UMP H . -8.83 -23.50 11.38
C4 UMP H . -10.13 -23.12 11.64
C5 UMP H . -11.07 -23.37 10.59
C6 UMP H . -10.63 -23.94 9.45
O2 UMP H . -7.16 -24.31 10.07
O4 UMP H . -10.40 -22.62 12.73
C1' UMP H . -8.88 -24.89 8.00
C2' UMP H . -8.55 -26.38 8.15
C3' UMP H . -8.97 -26.92 6.79
C4' UMP H . -10.22 -26.10 6.49
O3' UMP H . -7.89 -26.60 5.90
O4' UMP H . -10.01 -24.82 7.14
C5' UMP H . -11.52 -26.70 6.97
O5' UMP H . -11.85 -27.75 6.04
P UMP H . -12.09 -29.30 6.53
OP1 UMP H . -10.97 -29.63 7.49
OP2 UMP H . -13.45 -29.35 7.17
OP3 UMP H . -12.02 -30.12 5.27
S SO4 I . 1.87 -4.61 6.69
O1 SO4 I . 2.86 -5.14 5.79
O2 SO4 I . 0.82 -5.58 6.86
O3 SO4 I . 2.47 -4.30 7.96
O4 SO4 I . 1.31 -3.40 6.13
#